data_6T41
#
_entry.id   6T41
#
_cell.length_a   70.969
_cell.length_b   70.687
_cell.length_c   170.253
_cell.angle_alpha   90.000
_cell.angle_beta   90.000
_cell.angle_gamma   90.000
#
_symmetry.space_group_name_H-M   'P 21 21 21'
#
loop_
_entity.id
_entity.type
_entity.pdbx_description
1 polymer 'Cyclin-dependent kinase 8'
2 polymer Cyclin-C
3 non-polymer ~{N}-[(4-chlorophenyl)methyl]quinazolin-4-amine
4 non-polymer 1,2-ETHANEDIOL
5 non-polymer 'FORMIC ACID'
6 water water
#
loop_
_entity_poly.entity_id
_entity_poly.type
_entity_poly.pdbx_seq_one_letter_code
_entity_poly.pdbx_strand_id
1 'polypeptide(L)'
;DDKMDYDFKVKLSSERERVEDLFEYEGCKVGRGTYGHVYKAKRKDGKDDKDYALKQIEGTGISMSACREIALLRELKHPN
VISLQKVFLSHADRKVWLLFDYAEHDLWHIIKFHRASKANKKPVQLPRGMVKSLLYQILDGIHYLHANWVLHRDLKPANI
LVMGEGPERGRVKIADMGFARLFNSPLKPLADLDPVVVTFWYRAPELLLGARHYTKAIDIWAIGCIFAELLTSEPIFHCR
QEDIKTSNPYHHDQLDRIFNVMGFPADKDWEDIKKMPEHSTLMKDFRRNTYTNCSLIKYMEKHKVKPDSKAFHLLQKLLT
MDPIKRITSEQAMQDPYFLEDPLPTSDVFAGCQIPYPKREFLTEEEPDDKGDKKNQQQQQGNNHTNGTGHPGNQDSSHTQ
GPPLKKV
;
A
2 'polypeptide(L)'
;DKAMAGNFWQSSHYLQWILDKQDLLKERQKDLKFLSEEEYWKLQIFFTNVIQALGEHLKLRQQVIATATVYFKRFYARYS
LKSIDPVLMAPTCVFLASKVEEFGVVSNTRLIAAATSVLKTRFSYAFPKEFPYRMNHILECEFYLLELMDCCLIVYHPYR
PLLQYVQDMGQEDMLLPLAWRIVNDTYRTDLCLLYPPFMIALACLHVACVVQQKDARQWFAELSVDMEKILEIIRVILKL
YEQWKNFDERKEMATILSKMPKPKPPPNSEGEQGPNGSQNSSYSQS
;
B
#
loop_
_chem_comp.id
_chem_comp.type
_chem_comp.name
_chem_comp.formula
EDO non-polymer 1,2-ETHANEDIOL 'C2 H6 O2'
FMT non-polymer 'FORMIC ACID' 'C H2 O2'
MFE non-polymer ~{N}-[(4-chlorophenyl)methyl]quinazolin-4-amine 'C15 H12 Cl N3'
#
# COMPACT_ATOMS: atom_id res chain seq x y z
N ASP A 1 -20.49 21.83 -0.26
CA ASP A 1 -20.43 22.37 -1.66
C ASP A 1 -21.81 22.89 -2.05
N ASP A 2 -21.89 24.17 -2.41
CA ASP A 2 -23.13 24.79 -2.84
C ASP A 2 -23.93 23.88 -3.79
N LYS A 3 -23.23 23.23 -4.72
CA LYS A 3 -23.86 22.44 -5.79
C LYS A 3 -23.57 20.95 -5.65
N MET A 4 -23.55 20.47 -4.41
CA MET A 4 -23.58 19.05 -4.04
C MET A 4 -24.89 18.81 -3.31
N ASP A 5 -25.58 17.70 -3.62
CA ASP A 5 -26.98 17.58 -3.23
C ASP A 5 -27.15 17.66 -1.72
N TYR A 6 -28.07 18.53 -1.30
CA TYR A 6 -28.23 18.81 0.12
C TYR A 6 -28.65 17.57 0.90
N ASP A 7 -29.64 16.83 0.39
CA ASP A 7 -30.17 15.68 1.13
C ASP A 7 -29.07 14.66 1.40
N PHE A 8 -28.38 14.24 0.32
CA PHE A 8 -27.19 13.43 0.39
C PHE A 8 -26.21 13.91 1.45
N LYS A 9 -25.95 15.22 1.46
CA LYS A 9 -24.96 15.82 2.34
C LYS A 9 -25.38 15.72 3.79
N VAL A 10 -26.64 16.05 4.11
CA VAL A 10 -27.05 16.01 5.51
C VAL A 10 -27.22 14.57 5.96
N LYS A 11 -27.65 13.68 5.05
CA LYS A 11 -27.80 12.27 5.41
C LYS A 11 -26.46 11.64 5.74
N LEU A 12 -25.46 11.83 4.89
CA LEU A 12 -24.12 11.34 5.23
C LEU A 12 -23.60 11.96 6.53
N SER A 13 -23.93 13.21 6.78
CA SER A 13 -23.40 13.84 7.99
C SER A 13 -24.09 13.34 9.25
N SER A 14 -25.37 13.00 9.15
CA SER A 14 -26.10 12.47 10.28
C SER A 14 -25.57 11.11 10.69
N GLU A 15 -25.19 10.30 9.73
CA GLU A 15 -24.72 8.94 9.96
C GLU A 15 -23.23 8.80 10.16
N ARG A 16 -22.46 9.86 9.93
CA ARG A 16 -21.00 9.74 9.94
C ARG A 16 -20.46 9.62 11.37
N GLU A 17 -19.76 8.52 11.64
CA GLU A 17 -19.12 8.31 12.92
C GLU A 17 -17.92 9.22 13.08
N ARG A 18 -17.90 9.96 14.19
CA ARG A 18 -16.84 10.89 14.49
C ARG A 18 -15.97 10.30 15.58
N VAL A 19 -14.65 10.45 15.41
CA VAL A 19 -13.70 9.82 16.33
C VAL A 19 -13.96 10.28 17.77
N GLU A 20 -14.26 11.55 17.97
CA GLU A 20 -14.39 12.07 19.33
C GLU A 20 -15.65 11.61 20.04
N ASP A 21 -16.66 11.15 19.31
CA ASP A 21 -17.83 10.57 19.94
C ASP A 21 -17.62 9.13 20.35
N LEU A 22 -16.69 8.44 19.71
CA LEU A 22 -16.59 7.00 19.96
C LEU A 22 -15.45 6.62 20.88
N PHE A 23 -14.49 7.51 21.13
CA PHE A 23 -13.26 7.16 21.82
C PHE A 23 -12.86 8.26 22.77
N GLU A 24 -12.32 7.85 23.91
CA GLU A 24 -11.80 8.75 24.91
C GLU A 24 -10.29 8.65 24.82
N TYR A 25 -9.63 9.77 24.56
CA TYR A 25 -8.22 9.72 24.25
C TYR A 25 -7.49 11.02 24.57
N GLU A 26 -8.20 12.12 24.78
CA GLU A 26 -7.51 13.39 25.00
C GLU A 26 -6.61 13.33 26.23
N GLY A 27 -5.43 13.91 26.10
CA GLY A 27 -4.40 13.78 27.11
C GLY A 27 -3.59 12.49 27.06
N CYS A 28 -4.07 11.44 26.41
CA CYS A 28 -3.41 10.12 26.40
C CYS A 28 -2.42 9.93 25.25
N LYS A 29 -1.69 10.95 24.84
CA LYS A 29 -0.75 10.80 23.74
C LYS A 29 0.42 9.90 24.14
N VAL A 30 0.70 8.88 23.34
CA VAL A 30 1.79 7.95 23.64
C VAL A 30 2.92 7.98 22.61
N GLY A 31 2.77 8.70 21.52
CA GLY A 31 3.86 8.84 20.58
C GLY A 31 3.67 10.04 19.69
N ARG A 32 4.78 10.62 19.26
CA ARG A 32 4.77 11.74 18.34
C ARG A 32 5.66 11.39 17.17
N GLY A 33 5.50 12.15 16.10
CA GLY A 33 6.27 11.87 14.91
C GLY A 33 5.91 12.88 13.84
N THR A 34 6.81 12.98 12.88
CA THR A 34 6.47 13.74 11.67
C THR A 34 5.28 13.09 10.97
N TYR A 35 5.19 11.76 11.05
CA TYR A 35 4.11 11.04 10.40
C TYR A 35 2.77 11.33 11.07
N GLY A 36 2.73 11.45 12.38
CA GLY A 36 1.50 11.74 13.07
C GLY A 36 1.52 11.16 14.47
N HIS A 37 0.63 11.71 15.31
CA HIS A 37 0.59 11.46 16.75
C HIS A 37 -0.34 10.30 17.10
N VAL A 38 0.02 9.59 18.15
CA VAL A 38 -0.65 8.36 18.53
C VAL A 38 -1.17 8.54 19.95
N TYR A 39 -2.40 8.10 20.17
CA TYR A 39 -3.04 8.17 21.47
C TYR A 39 -3.50 6.78 21.92
N LYS A 40 -3.39 6.51 23.21
CA LYS A 40 -4.13 5.39 23.79
C LYS A 40 -5.57 5.80 23.95
N ALA A 41 -6.47 4.90 23.60
CA ALA A 41 -7.87 5.27 23.49
C ALA A 41 -8.70 4.12 24.00
N LYS A 42 -9.78 4.46 24.69
CA LYS A 42 -10.73 3.50 25.20
C LYS A 42 -12.07 3.86 24.57
N ARG A 43 -12.94 2.87 24.50
CA ARG A 43 -14.18 3.02 23.75
C ARG A 43 -15.27 3.59 24.66
N LYS A 44 -15.82 4.76 24.28
CA LYS A 44 -16.92 5.37 25.03
C LYS A 44 -18.14 4.46 25.06
N ASP A 45 -18.60 4.05 23.87
CA ASP A 45 -19.81 3.25 23.70
C ASP A 45 -19.54 1.85 24.26
N GLY A 46 -19.48 1.76 25.59
CA GLY A 46 -18.75 0.73 26.32
C GLY A 46 -18.86 -0.73 25.94
N LYS A 47 -19.36 -1.06 24.75
CA LYS A 47 -19.46 -2.46 24.36
C LYS A 47 -18.09 -3.05 24.00
N ASP A 48 -17.07 -2.77 24.82
CA ASP A 48 -15.67 -3.20 24.64
C ASP A 48 -14.92 -2.71 25.87
N ASP A 49 -13.76 -3.32 26.14
CA ASP A 49 -12.90 -2.81 27.19
C ASP A 49 -11.42 -2.91 26.87
N LYS A 50 -11.06 -3.17 25.61
CA LYS A 50 -9.65 -3.23 25.27
C LYS A 50 -9.12 -1.83 25.01
N ASP A 51 -7.81 -1.71 25.06
CA ASP A 51 -7.18 -0.47 24.65
C ASP A 51 -7.02 -0.45 23.14
N TYR A 52 -6.96 0.76 22.59
CA TYR A 52 -6.82 0.96 21.16
C TYR A 52 -5.77 2.04 20.93
N ALA A 53 -5.19 2.04 19.74
CA ALA A 53 -4.28 3.08 19.30
C ALA A 53 -4.95 3.93 18.23
N LEU A 54 -4.98 5.25 18.45
CA LEU A 54 -5.50 6.20 17.48
C LEU A 54 -4.35 7.00 16.91
N LYS A 55 -4.13 6.89 15.61
CA LYS A 55 -3.11 7.66 14.92
C LYS A 55 -3.81 8.81 14.21
N GLN A 56 -3.46 10.04 14.55
CA GLN A 56 -3.93 11.21 13.82
C GLN A 56 -2.86 11.56 12.79
N ILE A 57 -3.22 11.50 11.51
CA ILE A 57 -2.24 11.68 10.46
C ILE A 57 -1.85 13.14 10.39
N GLU A 58 -0.54 13.39 10.37
CA GLU A 58 0.00 14.74 10.36
C GLU A 58 -0.42 15.48 9.10
N GLY A 59 -0.73 16.75 9.27
CA GLY A 59 -1.17 17.57 8.16
C GLY A 59 -2.64 17.42 7.97
N THR A 60 -3.14 18.06 6.91
CA THR A 60 -4.54 18.01 6.53
C THR A 60 -4.69 17.34 5.18
N GLY A 61 -5.92 16.95 4.87
CA GLY A 61 -6.23 16.26 3.66
C GLY A 61 -5.63 14.85 3.59
N ILE A 62 -5.60 14.37 2.36
CA ILE A 62 -5.04 13.06 2.03
C ILE A 62 -3.81 13.34 1.21
N SER A 63 -2.66 13.26 1.84
CA SER A 63 -1.38 13.38 1.18
C SER A 63 -1.03 12.07 0.49
N MET A 64 -0.05 12.11 -0.39
CA MET A 64 0.39 10.88 -1.04
C MET A 64 0.80 9.84 0.00
N SER A 65 1.46 10.29 1.06
CA SER A 65 1.85 9.38 2.13
C SER A 65 0.62 8.76 2.78
N ALA A 66 -0.33 9.59 3.18
CA ALA A 66 -1.54 9.08 3.80
C ALA A 66 -2.27 8.14 2.85
N CYS A 67 -2.43 8.55 1.62
CA CYS A 67 -3.16 7.76 0.66
C CYS A 67 -2.56 6.36 0.51
N ARG A 68 -1.25 6.27 0.39
CA ARG A 68 -0.62 4.95 0.28
C ARG A 68 -0.73 4.16 1.59
N GLU A 69 -0.64 4.82 2.74
CA GLU A 69 -0.68 4.06 3.99
C GLU A 69 -2.07 3.47 4.23
N ILE A 70 -3.13 4.25 3.98
CA ILE A 70 -4.49 3.72 4.03
C ILE A 70 -4.68 2.60 3.02
N ALA A 71 -4.27 2.85 1.76
CA ALA A 71 -4.48 1.88 0.68
C ALA A 71 -3.87 0.52 1.00
N LEU A 72 -2.64 0.51 1.54
CA LEU A 72 -1.96 -0.76 1.81
C LEU A 72 -2.42 -1.39 3.13
N LEU A 73 -2.53 -0.61 4.20
CA LEU A 73 -3.07 -1.15 5.45
C LEU A 73 -4.43 -1.76 5.22
N ARG A 74 -5.23 -1.09 4.39
CA ARG A 74 -6.56 -1.57 4.10
C ARG A 74 -6.58 -2.98 3.54
N GLU A 75 -5.50 -3.43 2.91
CA GLU A 75 -5.41 -4.72 2.22
C GLU A 75 -4.66 -5.77 3.04
N LEU A 76 -3.62 -5.38 3.76
CA LEU A 76 -2.75 -6.33 4.42
C LEU A 76 -3.39 -6.93 5.66
N LYS A 77 -3.24 -8.24 5.82
CA LYS A 77 -3.79 -8.91 6.99
C LYS A 77 -2.88 -10.08 7.31
N HIS A 78 -2.13 -9.98 8.40
CA HIS A 78 -1.22 -11.03 8.85
C HIS A 78 -1.17 -10.88 10.36
N PRO A 79 -1.07 -11.98 11.10
CA PRO A 79 -0.95 -11.87 12.57
C PRO A 79 0.23 -11.04 13.07
N ASN A 80 1.31 -10.94 12.30
CA ASN A 80 2.51 -10.26 12.77
C ASN A 80 2.67 -8.87 12.17
N VAL A 81 1.63 -8.35 11.55
CA VAL A 81 1.66 -7.02 10.97
C VAL A 81 0.46 -6.28 11.54
N ILE A 82 0.72 -5.10 12.11
CA ILE A 82 -0.34 -4.26 12.69
C ILE A 82 -1.52 -4.11 11.71
N SER A 83 -2.71 -4.19 12.26
CA SER A 83 -3.93 -4.37 11.50
C SER A 83 -4.80 -3.14 11.68
N LEU A 84 -5.03 -2.40 10.60
CA LEU A 84 -5.97 -1.28 10.60
C LEU A 84 -7.39 -1.75 10.91
N GLN A 85 -8.01 -1.16 11.94
CA GLN A 85 -9.40 -1.50 12.26
C GLN A 85 -10.40 -0.57 11.58
N LYS A 86 -10.07 0.70 11.43
CA LYS A 86 -11.06 1.69 11.04
C LYS A 86 -10.34 2.97 10.67
N VAL A 87 -10.90 3.68 9.69
CA VAL A 87 -10.47 5.01 9.32
C VAL A 87 -11.58 6.00 9.63
N PHE A 88 -11.21 7.14 10.22
CA PHE A 88 -12.12 8.26 10.43
C PHE A 88 -11.65 9.43 9.60
N LEU A 89 -12.52 9.94 8.77
CA LEU A 89 -12.30 11.18 8.05
C LEU A 89 -13.11 12.26 8.75
N SER A 90 -12.42 13.18 9.40
CA SER A 90 -13.05 14.28 10.12
C SER A 90 -13.15 15.46 9.16
N HIS A 91 -14.39 15.85 8.83
CA HIS A 91 -14.60 16.74 7.69
C HIS A 91 -14.35 18.19 8.06
N ALA A 92 -14.50 18.52 9.35
CA ALA A 92 -14.36 19.90 9.81
C ALA A 92 -12.92 20.39 9.71
N ASP A 93 -11.98 19.59 10.22
CA ASP A 93 -10.56 19.93 10.18
C ASP A 93 -9.81 19.17 9.07
N ARG A 94 -10.49 18.30 8.33
CA ARG A 94 -9.84 17.47 7.32
C ARG A 94 -8.64 16.70 7.89
N LYS A 95 -8.82 16.16 9.09
CA LYS A 95 -7.85 15.27 9.72
C LYS A 95 -8.29 13.81 9.56
N VAL A 96 -7.30 12.94 9.46
CA VAL A 96 -7.52 11.52 9.22
C VAL A 96 -7.07 10.77 10.45
N TRP A 97 -7.91 9.88 10.96
CA TRP A 97 -7.55 9.07 12.12
C TRP A 97 -7.55 7.62 11.69
N LEU A 98 -6.57 6.87 12.16
CA LEU A 98 -6.51 5.43 11.94
C LEU A 98 -6.59 4.71 13.27
N LEU A 99 -7.38 3.64 13.32
CA LEU A 99 -7.64 2.91 14.55
C LEU A 99 -6.93 1.56 14.50
N PHE A 100 -6.10 1.29 15.51
CA PHE A 100 -5.46 -0.01 15.67
C PHE A 100 -5.69 -0.61 17.05
N ASP A 101 -5.54 -1.91 17.17
CA ASP A 101 -5.48 -2.48 18.50
C ASP A 101 -4.22 -1.94 19.16
N TYR A 102 -4.30 -1.73 20.46
CA TYR A 102 -3.21 -1.11 21.18
C TYR A 102 -2.13 -2.14 21.49
N ALA A 103 -0.87 -1.76 21.33
CA ALA A 103 0.23 -2.64 21.72
C ALA A 103 1.05 -2.00 22.84
N GLU A 104 1.07 -2.67 23.98
CA GLU A 104 1.70 -2.11 25.18
C GLU A 104 3.20 -1.98 25.03
N HIS A 105 3.86 -2.93 24.37
CA HIS A 105 5.30 -3.01 24.36
C HIS A 105 5.88 -2.78 22.98
N ASP A 106 7.20 -2.59 22.97
CA ASP A 106 7.95 -2.61 21.73
C ASP A 106 9.37 -3.04 22.06
N LEU A 107 10.14 -3.32 21.02
CA LEU A 107 11.52 -3.76 21.26
C LEU A 107 12.43 -2.62 21.69
N TRP A 108 12.09 -1.36 21.38
CA TRP A 108 12.95 -0.28 21.86
C TRP A 108 12.91 -0.20 23.38
N HIS A 109 11.73 -0.36 23.94
CA HIS A 109 11.56 -0.32 25.39
C HIS A 109 11.96 -1.63 26.03
N ILE A 110 11.66 -2.77 25.41
CA ILE A 110 12.11 -4.04 25.97
C ILE A 110 13.64 -4.08 26.06
N ILE A 111 14.33 -3.76 24.96
CA ILE A 111 15.79 -3.81 24.96
C ILE A 111 16.36 -2.83 25.96
N LYS A 112 15.82 -1.61 25.98
CA LYS A 112 16.29 -0.62 26.94
C LYS A 112 16.13 -1.10 28.38
N PHE A 113 15.10 -1.90 28.68
CA PHE A 113 14.92 -2.42 30.04
C PHE A 113 16.05 -3.36 30.42
N HIS A 114 16.37 -4.31 29.54
CA HIS A 114 17.42 -5.28 29.83
C HIS A 114 18.78 -4.62 29.89
N ARG A 115 18.99 -3.58 29.10
CA ARG A 115 20.24 -2.81 29.16
C ARG A 115 20.33 -2.06 30.48
N ALA A 116 19.19 -1.64 31.03
CA ALA A 116 19.20 -1.00 32.34
C ALA A 116 19.63 -1.96 33.43
N SER A 117 19.24 -3.22 33.34
CA SER A 117 19.63 -4.20 34.32
C SER A 117 21.08 -4.62 34.23
N LYS A 118 21.83 -4.16 33.23
CA LYS A 118 23.26 -4.42 33.22
C LYS A 118 23.99 -3.50 34.20
N ALA A 119 23.53 -2.26 34.36
CA ALA A 119 24.03 -1.43 35.45
C ALA A 119 23.92 -2.21 36.77
N ASN A 120 22.70 -2.63 37.13
CA ASN A 120 22.46 -3.41 38.35
C ASN A 120 21.86 -4.79 38.08
N PRO A 123 20.24 -8.88 33.38
CA PRO A 123 19.59 -9.94 32.60
C PRO A 123 19.50 -9.65 31.07
N VAL A 124 19.61 -10.68 30.22
CA VAL A 124 19.56 -10.52 28.76
C VAL A 124 18.43 -11.37 28.16
N GLN A 125 17.19 -10.88 28.28
CA GLN A 125 15.96 -11.48 27.73
C GLN A 125 15.62 -12.82 28.39
N LEU A 126 14.81 -12.77 29.47
CA LEU A 126 14.80 -13.85 30.44
C LEU A 126 14.21 -15.14 29.89
N PRO A 127 12.95 -15.19 29.46
CA PRO A 127 12.43 -16.46 28.92
C PRO A 127 13.36 -16.96 27.83
N ARG A 128 13.63 -18.26 27.83
CA ARG A 128 14.72 -18.83 27.03
C ARG A 128 14.56 -18.53 25.53
N GLY A 129 13.39 -18.82 24.98
CA GLY A 129 13.19 -18.54 23.58
C GLY A 129 12.55 -17.22 23.22
N MET A 130 12.64 -16.20 24.09
CA MET A 130 12.03 -14.93 23.74
C MET A 130 12.71 -14.34 22.52
N VAL A 131 14.03 -14.27 22.53
CA VAL A 131 14.78 -13.75 21.40
C VAL A 131 14.43 -14.48 20.12
N LYS A 132 14.63 -15.80 20.13
CA LYS A 132 14.24 -16.61 19.00
C LYS A 132 12.80 -16.32 18.61
N SER A 133 11.89 -16.36 19.57
CA SER A 133 10.49 -16.17 19.23
C SER A 133 10.28 -14.80 18.58
N LEU A 134 10.86 -13.74 19.16
CA LEU A 134 10.77 -12.41 18.55
C LEU A 134 11.29 -12.45 17.12
N LEU A 135 12.50 -12.99 16.93
CA LEU A 135 13.06 -13.03 15.58
C LEU A 135 12.14 -13.77 14.63
N TYR A 136 11.66 -14.96 15.02
CA TYR A 136 10.84 -15.74 14.11
C TYR A 136 9.62 -14.97 13.61
N GLN A 137 8.94 -14.28 14.53
CA GLN A 137 7.74 -13.50 14.21
C GLN A 137 8.08 -12.28 13.37
N ILE A 138 9.17 -11.56 13.70
CA ILE A 138 9.59 -10.48 12.81
C ILE A 138 9.75 -11.01 11.39
N LEU A 139 10.45 -12.14 11.23
CA LEU A 139 10.67 -12.65 9.88
C LEU A 139 9.37 -13.09 9.23
N ASP A 140 8.47 -13.64 10.03
CA ASP A 140 7.19 -14.09 9.48
C ASP A 140 6.43 -12.93 8.84
N GLY A 141 6.35 -11.80 9.57
CA GLY A 141 5.57 -10.67 9.10
C GLY A 141 6.25 -9.92 7.98
N ILE A 142 7.57 -9.73 8.07
CA ILE A 142 8.33 -9.19 6.97
C ILE A 142 8.15 -10.03 5.73
N HIS A 143 8.22 -11.36 5.88
CA HIS A 143 7.98 -12.26 4.76
C HIS A 143 6.60 -12.02 4.13
N TYR A 144 5.54 -11.92 4.94
CA TYR A 144 4.24 -11.59 4.36
C TYR A 144 4.33 -10.33 3.50
N LEU A 145 4.95 -9.27 4.04
CA LEU A 145 5.03 -8.01 3.27
C LEU A 145 5.84 -8.22 1.99
N HIS A 146 6.99 -8.89 2.11
CA HIS A 146 7.82 -9.09 0.93
C HIS A 146 7.13 -9.92 -0.13
N ALA A 147 6.34 -10.90 0.28
CA ALA A 147 5.65 -11.68 -0.74
C ALA A 147 4.53 -10.88 -1.42
N ASN A 148 4.08 -9.79 -0.80
CA ASN A 148 3.13 -8.87 -1.42
C ASN A 148 3.82 -7.67 -2.06
N TRP A 149 5.13 -7.77 -2.25
CA TRP A 149 5.92 -6.74 -2.89
C TRP A 149 5.75 -5.41 -2.16
N VAL A 150 5.58 -5.51 -0.85
CA VAL A 150 5.57 -4.38 0.07
C VAL A 150 6.84 -4.42 0.89
N LEU A 151 7.59 -3.33 0.88
CA LEU A 151 8.77 -3.23 1.73
C LEU A 151 8.47 -2.40 2.95
N HIS A 152 9.27 -2.61 4.00
CA HIS A 152 9.14 -1.79 5.19
C HIS A 152 9.90 -0.49 5.02
N ARG A 153 11.20 -0.58 4.83
CA ARG A 153 12.05 0.55 4.48
C ARG A 153 12.44 1.39 5.69
N ASP A 154 11.95 1.09 6.88
CA ASP A 154 12.34 1.87 8.06
C ASP A 154 12.28 0.99 9.30
N LEU A 155 12.84 -0.22 9.20
CA LEU A 155 12.76 -1.21 10.25
C LEU A 155 13.75 -0.95 11.36
N LYS A 156 13.28 -0.99 12.60
CA LYS A 156 14.11 -0.71 13.76
C LYS A 156 13.34 -1.10 15.01
N PRO A 157 14.03 -1.28 16.14
CA PRO A 157 13.35 -1.79 17.35
C PRO A 157 12.09 -1.04 17.74
N ALA A 158 12.08 0.28 17.63
CA ALA A 158 10.88 1.02 18.01
C ALA A 158 9.70 0.65 17.13
N ASN A 159 9.94 0.11 15.94
CA ASN A 159 8.87 -0.22 15.00
C ASN A 159 8.38 -1.65 15.13
N ILE A 160 8.97 -2.41 16.03
CA ILE A 160 8.58 -3.78 16.29
C ILE A 160 7.80 -3.75 17.59
N LEU A 161 6.48 -3.69 17.51
CA LEU A 161 5.66 -3.70 18.70
C LEU A 161 5.45 -5.13 19.21
N VAL A 162 5.07 -5.21 20.48
CA VAL A 162 4.77 -6.49 21.11
C VAL A 162 3.50 -6.33 21.94
N MET A 163 2.49 -7.14 21.62
CA MET A 163 1.24 -7.16 22.36
C MET A 163 1.43 -7.62 23.81
N GLY A 164 0.73 -6.94 24.71
CA GLY A 164 0.70 -7.30 26.11
C GLY A 164 -0.50 -8.14 26.50
N GLU A 165 -0.84 -8.08 27.78
CA GLU A 165 -1.95 -8.86 28.29
C GLU A 165 -3.17 -8.70 27.40
N GLY A 166 -3.82 -9.81 27.11
CA GLY A 166 -4.94 -9.80 26.21
C GLY A 166 -4.97 -11.07 25.40
N PRO A 167 -5.86 -11.12 24.42
CA PRO A 167 -5.95 -12.32 23.59
C PRO A 167 -4.73 -12.54 22.70
N GLU A 168 -3.94 -11.52 22.40
CA GLU A 168 -2.77 -11.68 21.54
C GLU A 168 -1.48 -11.55 22.33
N ARG A 169 -1.55 -11.84 23.63
CA ARG A 169 -0.41 -11.67 24.52
C ARG A 169 0.86 -12.17 23.86
N GLY A 170 1.94 -11.39 24.00
CA GLY A 170 3.25 -11.75 23.52
C GLY A 170 3.45 -11.84 22.02
N ARG A 171 2.54 -11.30 21.22
CA ARG A 171 2.63 -11.39 19.77
C ARG A 171 3.26 -10.14 19.16
N VAL A 172 4.25 -10.35 18.27
CA VAL A 172 4.92 -9.26 17.56
C VAL A 172 3.97 -8.60 16.57
N LYS A 173 4.05 -7.28 16.46
CA LYS A 173 3.28 -6.52 15.46
C LYS A 173 4.22 -5.51 14.79
N ILE A 174 4.64 -5.81 13.58
CA ILE A 174 5.44 -4.87 12.81
C ILE A 174 4.58 -3.66 12.49
N ALA A 175 5.10 -2.48 12.79
CA ALA A 175 4.33 -1.27 12.58
C ALA A 175 5.16 -0.25 11.84
N ASP A 176 4.47 0.78 11.38
CA ASP A 176 5.08 2.01 10.90
C ASP A 176 5.92 1.82 9.64
N MET A 177 5.48 0.94 8.75
CA MET A 177 6.08 0.88 7.43
C MET A 177 6.19 2.28 6.82
N GLY A 178 7.30 2.52 6.11
CA GLY A 178 7.46 3.70 5.26
C GLY A 178 6.73 3.54 3.94
N PHE A 179 5.44 3.89 3.89
CA PHE A 179 4.61 3.51 2.75
C PHE A 179 4.82 4.43 1.56
N ALA A 180 5.25 5.67 1.76
CA ALA A 180 5.61 6.50 0.62
C ALA A 180 7.09 6.85 0.64
N ARG A 181 7.76 6.60 -0.49
CA ARG A 181 9.12 7.05 -0.79
C ARG A 181 9.17 7.36 -2.28
N LEU A 182 9.20 8.65 -2.64
CA LEU A 182 9.12 9.03 -4.05
C LEU A 182 10.09 8.20 -4.86
N PHE A 183 9.59 7.61 -5.94
CA PHE A 183 10.35 6.76 -6.86
C PHE A 183 11.00 5.56 -6.15
N ASN A 184 10.51 5.22 -4.95
CA ASN A 184 11.09 4.14 -4.16
C ASN A 184 12.55 4.45 -3.83
N SER A 185 12.83 5.72 -3.51
CA SER A 185 14.19 6.21 -3.43
C SER A 185 14.54 6.65 -2.00
N PRO A 186 15.68 6.19 -1.48
CA PRO A 186 16.17 6.72 -0.20
C PRO A 186 16.87 8.04 -0.33
N LEU A 187 17.12 8.52 -1.55
CA LEU A 187 17.81 9.76 -1.86
C LEU A 187 16.89 10.99 -1.82
N LYS A 188 15.55 10.80 -1.62
CA LYS A 188 14.59 11.90 -1.70
C LYS A 188 14.12 12.30 -0.29
N PRO A 189 13.77 13.56 -0.08
CA PRO A 189 13.18 13.93 1.22
C PRO A 189 11.86 13.24 1.50
N THR A 199 18.36 7.60 13.34
CA THR A 199 19.74 7.08 13.37
C THR A 199 20.01 6.29 12.10
N PHE A 200 21.29 6.07 11.76
CA PHE A 200 21.63 5.19 10.64
C PHE A 200 22.09 3.80 11.11
N TRP A 201 21.75 3.41 12.33
CA TRP A 201 22.35 2.19 12.87
C TRP A 201 21.86 0.92 12.20
N TYR A 202 20.74 0.97 11.49
CA TYR A 202 20.07 -0.21 10.94
C TYR A 202 20.07 -0.17 9.44
N ARG A 203 20.90 0.70 8.87
CA ARG A 203 20.94 0.90 7.43
C ARG A 203 22.02 0.04 6.80
N ALA A 204 21.64 -0.65 5.72
CA ALA A 204 22.53 -1.57 5.05
C ALA A 204 23.68 -0.81 4.40
N PRO A 205 24.84 -1.44 4.24
CA PRO A 205 25.97 -0.71 3.66
C PRO A 205 25.69 -0.17 2.29
N GLU A 206 24.92 -0.88 1.47
CA GLU A 206 24.66 -0.37 0.13
C GLU A 206 23.89 0.95 0.17
N LEU A 207 23.05 1.15 1.19
CA LEU A 207 22.38 2.45 1.35
C LEU A 207 23.41 3.55 1.55
N LEU A 208 24.34 3.33 2.48
CA LEU A 208 25.36 4.30 2.80
C LEU A 208 26.31 4.54 1.65
N LEU A 209 26.36 3.66 0.65
CA LEU A 209 27.21 3.85 -0.50
C LEU A 209 26.42 4.34 -1.71
N GLY A 210 25.16 4.66 -1.49
CA GLY A 210 24.35 5.38 -2.45
C GLY A 210 23.38 4.55 -3.26
N ALA A 211 22.89 3.43 -2.74
CA ALA A 211 21.84 2.69 -3.42
C ALA A 211 20.68 3.62 -3.72
N ARG A 212 20.11 3.46 -4.91
CA ARG A 212 19.11 4.38 -5.42
C ARG A 212 17.69 3.88 -5.18
N HIS A 213 17.53 2.69 -4.60
CA HIS A 213 16.23 2.07 -4.43
C HIS A 213 16.26 1.18 -3.21
N TYR A 214 15.14 1.15 -2.51
CA TYR A 214 14.97 0.20 -1.43
C TYR A 214 14.76 -1.20 -2.02
N THR A 215 15.17 -2.21 -1.27
CA THR A 215 15.05 -3.60 -1.69
C THR A 215 14.61 -4.45 -0.52
N LYS A 216 14.19 -5.68 -0.83
CA LYS A 216 13.95 -6.66 0.21
C LYS A 216 15.19 -6.79 1.10
N ALA A 217 16.37 -6.88 0.48
CA ALA A 217 17.58 -7.16 1.23
C ALA A 217 17.93 -6.08 2.24
N ILE A 218 17.56 -4.82 1.98
CA ILE A 218 17.84 -3.76 2.94
C ILE A 218 17.02 -3.98 4.20
N ASP A 219 15.75 -4.40 4.07
CA ASP A 219 14.97 -4.79 5.23
C ASP A 219 15.65 -5.93 6.01
N ILE A 220 16.19 -6.92 5.30
CA ILE A 220 16.77 -8.07 6.00
C ILE A 220 18.01 -7.67 6.80
N TRP A 221 18.85 -6.80 6.25
CA TRP A 221 19.96 -6.27 7.06
C TRP A 221 19.44 -5.72 8.39
N ALA A 222 18.40 -4.88 8.32
CA ALA A 222 17.84 -4.30 9.54
C ALA A 222 17.40 -5.39 10.49
N ILE A 223 16.81 -6.47 9.96
CA ILE A 223 16.44 -7.56 10.86
C ILE A 223 17.68 -8.17 11.47
N GLY A 224 18.78 -8.26 10.71
CA GLY A 224 20.01 -8.77 11.27
C GLY A 224 20.48 -7.92 12.43
N CYS A 225 20.42 -6.59 12.26
CA CYS A 225 20.86 -5.66 13.30
C CYS A 225 19.99 -5.80 14.55
N ILE A 226 18.67 -5.92 14.36
CA ILE A 226 17.79 -6.09 15.50
C ILE A 226 18.14 -7.37 16.26
N PHE A 227 18.39 -8.46 15.53
CA PHE A 227 18.72 -9.75 16.16
C PHE A 227 20.05 -9.71 16.91
N ALA A 228 21.06 -9.00 16.38
CA ALA A 228 22.27 -8.82 17.17
C ALA A 228 21.99 -8.03 18.43
N GLU A 229 21.06 -7.07 18.35
CA GLU A 229 20.75 -6.25 19.52
C GLU A 229 19.97 -7.06 20.55
N LEU A 230 19.13 -8.02 20.14
CA LEU A 230 18.40 -8.83 21.12
C LEU A 230 19.33 -9.80 21.85
N LEU A 231 20.31 -10.33 21.14
CA LEU A 231 21.29 -11.20 21.77
C LEU A 231 22.21 -10.48 22.76
N THR A 232 22.54 -9.21 22.52
CA THR A 232 23.53 -8.50 23.34
C THR A 232 22.99 -7.33 24.16
N SER A 233 21.86 -6.75 23.79
CA SER A 233 21.23 -5.54 24.36
C SER A 233 21.92 -4.28 23.88
N GLU A 234 23.01 -4.35 23.10
CA GLU A 234 23.69 -3.20 22.49
C GLU A 234 23.36 -3.15 21.00
N PRO A 235 23.21 -1.96 20.41
CA PRO A 235 23.12 -1.86 18.94
C PRO A 235 24.44 -2.24 18.29
N ILE A 236 24.41 -3.25 17.43
CA ILE A 236 25.68 -3.81 16.94
C ILE A 236 26.45 -2.74 16.17
N PHE A 237 25.75 -1.78 15.59
CA PHE A 237 26.35 -0.76 14.76
C PHE A 237 26.07 0.62 15.33
N HIS A 238 26.13 0.74 16.66
CA HIS A 238 26.02 2.02 17.35
C HIS A 238 27.03 3.02 16.83
N CYS A 239 26.63 4.28 16.75
CA CYS A 239 27.46 5.31 16.14
C CYS A 239 27.08 6.69 16.69
N ARG A 240 28.08 7.57 16.79
CA ARG A 240 27.86 8.96 17.17
C ARG A 240 26.88 9.64 16.24
N GLN A 241 26.11 10.56 16.80
CA GLN A 241 25.08 11.28 16.05
C GLN A 241 25.70 12.50 15.37
N GLU A 242 26.43 12.23 14.29
CA GLU A 242 27.00 13.30 13.47
C GLU A 242 26.13 13.56 12.25
N ASN A 248 22.43 13.42 1.20
CA ASN A 248 23.70 12.71 0.99
C ASN A 248 23.67 11.37 1.72
N PRO A 249 23.77 10.23 0.96
CA PRO A 249 23.65 8.89 1.56
C PRO A 249 24.90 8.40 2.27
N TYR A 250 26.07 8.89 1.84
CA TYR A 250 27.35 8.47 2.39
C TYR A 250 27.51 9.02 3.81
N HIS A 251 27.71 8.12 4.79
CA HIS A 251 27.98 8.50 6.18
C HIS A 251 29.22 7.76 6.65
N HIS A 252 30.30 8.50 6.75
CA HIS A 252 31.60 7.91 6.94
C HIS A 252 31.71 7.15 8.26
N ASP A 253 31.34 7.79 9.36
CA ASP A 253 31.55 7.16 10.67
C ASP A 253 30.69 5.92 10.83
N GLN A 254 29.48 5.91 10.24
CA GLN A 254 28.65 4.73 10.27
C GLN A 254 29.29 3.58 9.49
N LEU A 255 29.90 3.88 8.33
CA LEU A 255 30.69 2.87 7.65
C LEU A 255 31.87 2.42 8.50
N ASP A 256 32.55 3.35 9.18
CA ASP A 256 33.63 2.96 10.07
C ASP A 256 33.15 2.00 11.15
N ARG A 257 31.99 2.26 11.74
CA ARG A 257 31.42 1.34 12.73
C ARG A 257 31.16 -0.03 12.14
N ILE A 258 30.55 -0.09 10.96
CA ILE A 258 30.25 -1.40 10.38
C ILE A 258 31.53 -2.20 10.20
N PHE A 259 32.58 -1.57 9.67
CA PHE A 259 33.82 -2.31 9.43
C PHE A 259 34.56 -2.73 10.71
N ASN A 260 34.53 -1.92 11.79
CA ASN A 260 35.16 -2.34 13.04
C ASN A 260 34.50 -3.59 13.58
N VAL A 261 33.18 -3.72 13.36
CA VAL A 261 32.47 -4.92 13.77
C VAL A 261 32.75 -6.06 12.82
N MET A 262 32.64 -5.81 11.52
CA MET A 262 32.53 -6.87 10.52
C MET A 262 33.84 -7.20 9.81
N GLY A 263 34.78 -6.28 9.77
CA GLY A 263 35.88 -6.33 8.82
C GLY A 263 35.53 -5.61 7.52
N PHE A 264 36.53 -5.40 6.70
CA PHE A 264 36.36 -4.70 5.43
C PHE A 264 36.12 -5.72 4.32
N PRO A 265 35.09 -5.58 3.50
CA PRO A 265 34.81 -6.60 2.49
C PRO A 265 35.94 -6.75 1.49
N ALA A 266 36.27 -8.01 1.23
CA ALA A 266 37.20 -8.35 0.18
C ALA A 266 36.51 -8.26 -1.16
N ASP A 267 37.30 -8.13 -2.22
CA ASP A 267 36.70 -8.03 -3.55
C ASP A 267 35.74 -9.17 -3.77
N LYS A 268 36.15 -10.39 -3.37
CA LYS A 268 35.34 -11.59 -3.57
C LYS A 268 34.05 -11.59 -2.75
N ASP A 269 34.04 -10.92 -1.60
CA ASP A 269 32.85 -10.89 -0.74
C ASP A 269 31.70 -10.09 -1.36
N TRP A 270 32.03 -9.05 -2.11
CA TRP A 270 31.03 -8.15 -2.62
C TRP A 270 31.57 -7.60 -3.93
N GLU A 271 31.40 -8.38 -5.00
CA GLU A 271 32.00 -8.03 -6.29
C GLU A 271 31.42 -6.75 -6.87
N ASP A 272 30.11 -6.58 -6.76
CA ASP A 272 29.45 -5.46 -7.38
C ASP A 272 29.61 -4.17 -6.60
N ILE A 273 30.33 -4.17 -5.48
CA ILE A 273 30.48 -2.94 -4.69
C ILE A 273 31.06 -1.82 -5.56
N LYS A 274 31.94 -2.17 -6.49
CA LYS A 274 32.54 -1.19 -7.36
C LYS A 274 31.52 -0.44 -8.21
N LYS A 275 30.31 -0.98 -8.37
CA LYS A 275 29.20 -0.28 -9.03
C LYS A 275 28.44 0.66 -8.08
N MET A 276 28.84 0.75 -6.81
CA MET A 276 28.08 1.65 -5.95
C MET A 276 28.50 3.10 -6.22
N PRO A 277 27.59 4.07 -6.16
CA PRO A 277 28.00 5.42 -6.53
C PRO A 277 29.12 5.95 -5.66
N GLU A 278 29.14 5.57 -4.40
CA GLU A 278 30.11 6.10 -3.44
C GLU A 278 31.31 5.19 -3.28
N HIS A 279 31.50 4.22 -4.17
CA HIS A 279 32.65 3.34 -4.03
C HIS A 279 33.96 4.11 -4.05
N SER A 280 34.09 5.10 -4.94
CA SER A 280 35.39 5.76 -5.03
C SER A 280 35.68 6.58 -3.79
N THR A 281 34.63 7.16 -3.19
CA THR A 281 34.76 7.86 -1.91
C THR A 281 35.15 6.90 -0.80
N LEU A 282 34.57 5.70 -0.77
CA LEU A 282 35.01 4.69 0.17
C LEU A 282 36.50 4.38 0.04
N MET A 283 37.00 4.23 -1.20
CA MET A 283 38.42 3.98 -1.39
C MET A 283 39.27 5.18 -0.94
N LYS A 284 38.80 6.39 -1.21
CA LYS A 284 39.52 7.57 -0.75
C LYS A 284 39.60 7.60 0.76
N ASP A 285 38.51 7.24 1.47
CA ASP A 285 38.47 7.44 2.93
C ASP A 285 38.97 6.25 3.75
N PHE A 286 39.03 5.03 3.22
CA PHE A 286 39.25 3.86 4.06
C PHE A 286 40.32 2.95 3.47
N ARG A 287 41.00 2.23 4.36
CA ARG A 287 42.01 1.27 3.98
C ARG A 287 41.73 -0.08 4.63
N ARG A 288 41.76 -1.14 3.83
CA ARG A 288 41.53 -2.49 4.32
C ARG A 288 42.34 -2.81 5.58
N ASN A 289 43.60 -2.37 5.63
CA ASN A 289 44.50 -2.72 6.72
C ASN A 289 43.97 -2.24 8.08
N THR A 290 43.26 -1.11 8.11
CA THR A 290 42.65 -0.59 9.35
C THR A 290 41.81 -1.64 10.11
N TYR A 291 41.24 -2.64 9.42
CA TYR A 291 40.28 -3.55 10.02
C TYR A 291 40.73 -5.01 9.99
N THR A 292 42.03 -5.24 9.89
CA THR A 292 42.50 -6.56 9.49
C THR A 292 42.17 -7.61 10.56
N ASN A 293 42.05 -7.21 11.83
CA ASN A 293 41.70 -8.11 12.90
C ASN A 293 40.28 -7.86 13.41
N CYS A 294 39.38 -7.55 12.49
CA CYS A 294 37.98 -7.32 12.79
C CYS A 294 37.13 -8.40 12.16
N SER A 295 36.15 -8.92 12.92
CA SER A 295 35.20 -9.87 12.36
C SER A 295 33.96 -9.95 13.24
N LEU A 296 32.83 -10.35 12.63
CA LEU A 296 31.63 -10.58 13.41
C LEU A 296 31.88 -11.61 14.51
N ILE A 297 32.67 -12.63 14.19
CA ILE A 297 33.05 -13.62 15.19
C ILE A 297 33.61 -12.94 16.44
N LYS A 298 34.66 -12.15 16.25
CA LYS A 298 35.30 -11.51 17.40
C LYS A 298 34.30 -10.60 18.12
N TYR A 299 33.49 -9.85 17.38
CA TYR A 299 32.54 -8.98 18.03
C TYR A 299 31.59 -9.80 18.92
N MET A 300 30.92 -10.80 18.36
CA MET A 300 29.92 -11.52 19.13
C MET A 300 30.54 -12.35 20.26
N GLU A 301 31.80 -12.80 20.13
CA GLU A 301 32.44 -13.51 21.24
C GLU A 301 32.56 -12.65 22.49
N LYS A 302 33.01 -11.39 22.32
CA LYS A 302 33.07 -10.42 23.39
C LYS A 302 31.73 -10.13 24.05
N HIS A 303 30.63 -10.56 23.47
CA HIS A 303 29.31 -10.38 24.08
C HIS A 303 28.70 -11.75 24.39
N LYS A 304 29.57 -12.72 24.63
CA LYS A 304 29.18 -14.01 25.19
C LYS A 304 28.18 -14.75 24.31
N VAL A 305 28.31 -14.61 22.99
CA VAL A 305 27.56 -15.41 22.02
C VAL A 305 28.53 -16.35 21.32
N LYS A 306 28.23 -17.63 21.34
CA LYS A 306 29.19 -18.61 20.82
C LYS A 306 29.21 -18.61 19.29
N PRO A 307 30.39 -18.60 18.66
CA PRO A 307 30.45 -18.62 17.19
C PRO A 307 30.01 -19.89 16.53
N ASP A 308 29.90 -20.99 17.26
CA ASP A 308 29.42 -22.22 16.64
C ASP A 308 27.97 -22.49 17.01
N SER A 309 27.28 -21.50 17.56
CA SER A 309 25.85 -21.62 17.79
C SER A 309 25.08 -21.41 16.51
N LYS A 310 23.95 -22.09 16.40
CA LYS A 310 23.05 -21.86 15.27
C LYS A 310 22.60 -20.42 15.23
N ALA A 311 22.34 -19.80 16.39
CA ALA A 311 22.07 -18.36 16.43
C ALA A 311 23.13 -17.55 15.69
N PHE A 312 24.43 -17.79 15.97
CA PHE A 312 25.45 -16.99 15.30
C PHE A 312 25.45 -17.19 13.78
N HIS A 313 25.28 -18.41 13.31
CA HIS A 313 25.40 -18.64 11.87
C HIS A 313 24.24 -18.03 11.11
N LEU A 314 23.04 -18.02 11.67
CA LEU A 314 21.93 -17.34 11.04
C LEU A 314 22.17 -15.83 11.03
N LEU A 315 22.54 -15.26 12.18
CA LEU A 315 22.92 -13.87 12.25
C LEU A 315 23.91 -13.47 11.16
N GLN A 316 24.90 -14.31 10.90
CA GLN A 316 25.91 -13.96 9.91
C GLN A 316 25.36 -14.00 8.50
N LYS A 317 24.42 -14.89 8.22
CA LYS A 317 23.73 -14.87 6.94
C LYS A 317 22.90 -13.61 6.78
N LEU A 318 22.29 -13.11 7.86
CA LEU A 318 21.46 -11.90 7.78
C LEU A 318 22.31 -10.63 7.65
N LEU A 319 23.45 -10.57 8.32
CA LEU A 319 24.39 -9.47 8.18
C LEU A 319 25.46 -9.81 7.14
N THR A 320 25.04 -10.11 5.93
CA THR A 320 25.98 -10.27 4.83
C THR A 320 26.12 -8.94 4.10
N MET A 321 27.36 -8.60 3.74
CA MET A 321 27.58 -7.24 3.28
C MET A 321 27.02 -7.05 1.89
N ASP A 322 27.28 -8.01 0.99
CA ASP A 322 26.73 -7.94 -0.36
C ASP A 322 25.23 -8.20 -0.29
N PRO A 323 24.39 -7.27 -0.72
CA PRO A 323 22.94 -7.54 -0.63
C PRO A 323 22.51 -8.77 -1.41
N ILE A 324 23.12 -9.06 -2.57
CA ILE A 324 22.70 -10.26 -3.28
C ILE A 324 23.14 -11.56 -2.58
N LYS A 325 24.09 -11.51 -1.64
CA LYS A 325 24.46 -12.72 -0.90
C LYS A 325 23.72 -12.82 0.42
N ARG A 326 22.82 -11.90 0.70
CA ARG A 326 22.04 -11.89 1.92
C ARG A 326 20.87 -12.87 1.80
N ILE A 327 20.71 -13.70 2.82
CA ILE A 327 19.59 -14.64 2.87
C ILE A 327 18.24 -13.93 2.80
N THR A 328 17.23 -14.61 2.22
CA THR A 328 15.90 -14.04 2.21
C THR A 328 15.17 -14.34 3.52
N SER A 329 14.05 -13.67 3.73
CA SER A 329 13.27 -13.93 4.94
C SER A 329 12.73 -15.36 4.95
N GLU A 330 12.32 -15.88 3.80
CA GLU A 330 11.79 -17.24 3.78
C GLU A 330 12.90 -18.25 4.09
N GLN A 331 14.09 -18.08 3.51
CA GLN A 331 15.18 -18.96 3.84
C GLN A 331 15.55 -18.87 5.33
N ALA A 332 15.42 -17.70 5.93
CA ALA A 332 15.77 -17.57 7.34
C ALA A 332 14.75 -18.24 8.24
N MET A 333 13.47 -18.20 7.86
CA MET A 333 12.50 -18.96 8.65
C MET A 333 12.75 -20.46 8.60
N GLN A 334 13.24 -20.99 7.47
CA GLN A 334 13.60 -22.40 7.40
C GLN A 334 14.90 -22.73 8.13
N ASP A 335 15.56 -21.78 8.81
CA ASP A 335 16.89 -22.06 9.34
C ASP A 335 16.79 -23.09 10.48
N PRO A 336 17.75 -24.01 10.59
CA PRO A 336 17.65 -25.03 11.63
C PRO A 336 17.70 -24.47 13.05
N TYR A 337 18.13 -23.22 13.22
CA TYR A 337 18.04 -22.56 14.52
C TYR A 337 16.65 -22.60 15.12
N PHE A 338 15.63 -22.56 14.28
CA PHE A 338 14.28 -22.54 14.80
C PHE A 338 13.76 -23.93 15.11
N LEU A 339 14.48 -25.00 14.69
CA LEU A 339 14.19 -26.38 15.06
C LEU A 339 14.91 -26.84 16.34
N GLU A 340 16.03 -26.21 16.69
CA GLU A 340 16.78 -26.53 17.90
C GLU A 340 16.02 -26.07 19.14
N ASP A 341 16.14 -26.84 20.23
CA ASP A 341 15.50 -26.47 21.49
C ASP A 341 16.02 -25.12 21.97
N PRO A 342 15.16 -24.19 22.38
CA PRO A 342 13.71 -24.23 22.54
C PRO A 342 13.01 -23.74 21.32
N LEU A 343 11.86 -24.30 20.99
CA LEU A 343 11.11 -23.82 19.86
C LEU A 343 10.52 -22.44 20.11
N PRO A 344 10.30 -21.69 19.04
CA PRO A 344 9.59 -20.41 19.13
C PRO A 344 8.16 -20.58 19.58
N THR A 345 7.72 -19.68 20.47
CA THR A 345 6.37 -19.70 21.02
C THR A 345 5.58 -18.57 20.38
N SER A 346 4.28 -18.78 20.24
CA SER A 346 3.42 -17.74 19.71
C SER A 346 3.31 -16.54 20.65
N ASP A 347 3.57 -16.73 21.93
CA ASP A 347 3.66 -15.63 22.89
C ASP A 347 5.13 -15.57 23.28
N VAL A 348 5.82 -14.50 22.88
CA VAL A 348 7.27 -14.49 23.08
C VAL A 348 7.62 -14.54 24.55
N PHE A 349 6.69 -14.13 25.45
CA PHE A 349 6.88 -14.19 26.89
C PHE A 349 6.67 -15.57 27.48
N ALA A 350 6.26 -16.55 26.67
CA ALA A 350 6.06 -17.95 27.04
C ALA A 350 5.44 -18.11 28.43
N GLY A 351 4.26 -17.50 28.60
CA GLY A 351 3.48 -17.62 29.81
C GLY A 351 4.07 -16.97 31.04
N CYS A 352 5.31 -16.52 30.99
CA CYS A 352 5.94 -15.85 32.12
C CYS A 352 5.34 -14.47 32.33
N GLN A 353 5.62 -13.92 33.50
CA GLN A 353 5.17 -12.58 33.80
C GLN A 353 5.96 -11.57 33.00
N ILE A 354 5.27 -10.51 32.59
CA ILE A 354 5.83 -9.40 31.83
C ILE A 354 6.43 -8.39 32.79
N PRO A 355 7.75 -8.36 32.96
CA PRO A 355 8.34 -7.40 33.89
C PRO A 355 8.50 -6.02 33.29
N TYR A 356 8.08 -5.82 32.04
CA TYR A 356 8.33 -4.55 31.36
C TYR A 356 7.23 -3.57 31.72
N PRO A 357 7.57 -2.35 32.09
CA PRO A 357 6.52 -1.39 32.43
C PRO A 357 5.68 -1.05 31.21
N LYS A 358 4.49 -0.50 31.50
CA LYS A 358 3.57 -0.02 30.49
C LYS A 358 4.07 1.28 29.90
N ARG A 359 3.29 1.80 28.96
CA ARG A 359 3.68 2.96 28.20
C ARG A 359 3.52 4.22 29.02
N GLU A 360 4.57 5.02 29.05
CA GLU A 360 4.45 6.37 29.53
C GLU A 360 3.68 7.19 28.51
N PHE A 361 2.78 8.03 29.03
CA PHE A 361 2.04 9.03 28.27
C PHE A 361 2.89 10.27 28.00
N LEU A 362 3.49 10.36 26.81
CA LEU A 362 4.01 11.64 26.31
C LEU A 362 2.91 12.71 26.17
N ASP B 1 3.90 -0.88 -10.12
CA ASP B 1 3.40 -0.99 -8.71
C ASP B 1 2.84 -2.41 -8.57
N LYS B 2 3.71 -3.34 -8.18
CA LYS B 2 3.34 -4.72 -7.91
C LYS B 2 2.74 -4.93 -6.52
N ALA B 3 2.55 -3.87 -5.76
CA ALA B 3 2.08 -4.00 -4.39
C ALA B 3 0.76 -4.75 -4.36
N MET B 4 0.75 -5.89 -3.68
CA MET B 4 -0.44 -6.70 -3.44
C MET B 4 -0.81 -7.57 -4.63
N ALA B 5 0.11 -7.75 -5.58
CA ALA B 5 -0.27 -8.26 -6.90
C ALA B 5 -0.87 -9.66 -6.84
N GLY B 6 -0.37 -10.53 -5.97
CA GLY B 6 -0.91 -11.88 -5.88
C GLY B 6 -2.09 -12.06 -4.96
N ASN B 7 -2.61 -10.98 -4.36
CA ASN B 7 -3.49 -11.10 -3.23
C ASN B 7 -4.96 -10.91 -3.60
N PHE B 8 -5.32 -11.00 -4.88
CA PHE B 8 -6.68 -10.67 -5.27
C PHE B 8 -7.72 -11.48 -4.49
N TRP B 9 -7.46 -12.74 -4.25
CA TRP B 9 -8.51 -13.53 -3.62
C TRP B 9 -8.76 -13.19 -2.16
N GLN B 10 -7.85 -12.47 -1.47
CA GLN B 10 -8.12 -11.92 -0.15
C GLN B 10 -8.25 -10.40 -0.16
N SER B 11 -8.46 -9.79 -1.32
CA SER B 11 -8.44 -8.33 -1.48
C SER B 11 -9.79 -7.69 -1.20
N SER B 12 -9.74 -6.42 -0.83
CA SER B 12 -10.99 -5.70 -0.67
C SER B 12 -11.70 -5.55 -2.00
N HIS B 13 -10.96 -5.52 -3.09
CA HIS B 13 -11.59 -5.50 -4.40
C HIS B 13 -12.46 -6.73 -4.54
N TYR B 14 -11.91 -7.90 -4.32
CA TYR B 14 -12.72 -9.10 -4.53
C TYR B 14 -13.82 -9.23 -3.47
N LEU B 15 -13.52 -8.98 -2.21
CA LEU B 15 -14.51 -9.26 -1.18
C LEU B 15 -15.57 -8.19 -1.05
N GLN B 16 -15.40 -7.05 -1.68
CA GLN B 16 -16.31 -5.95 -1.42
C GLN B 16 -16.85 -5.31 -2.69
N TRP B 17 -16.11 -5.41 -3.77
CA TRP B 17 -16.42 -4.61 -4.96
C TRP B 17 -16.47 -5.46 -6.20
N ILE B 18 -16.72 -6.76 -6.04
CA ILE B 18 -17.39 -7.54 -7.07
C ILE B 18 -18.85 -7.60 -6.63
N LEU B 19 -19.67 -6.83 -7.28
CA LEU B 19 -21.05 -6.62 -6.93
C LEU B 19 -21.93 -7.64 -7.64
N ASP B 20 -23.14 -7.81 -7.11
CA ASP B 20 -24.19 -8.56 -7.79
C ASP B 20 -24.90 -7.66 -8.80
N LYS B 21 -25.07 -8.19 -9.99
CA LYS B 21 -25.66 -7.44 -11.07
C LYS B 21 -27.06 -6.96 -10.73
N GLN B 22 -27.77 -7.74 -9.91
CA GLN B 22 -29.13 -7.37 -9.57
C GLN B 22 -29.16 -6.22 -8.58
N ASP B 23 -28.27 -6.24 -7.59
CA ASP B 23 -28.14 -5.10 -6.69
C ASP B 23 -27.80 -3.84 -7.45
N LEU B 24 -26.93 -3.96 -8.45
CA LEU B 24 -26.55 -2.82 -9.27
C LEU B 24 -27.76 -2.19 -9.96
N LEU B 25 -28.50 -3.00 -10.72
CA LEU B 25 -29.64 -2.47 -11.46
C LEU B 25 -30.71 -1.95 -10.53
N LYS B 26 -30.87 -2.57 -9.36
CA LYS B 26 -31.83 -2.08 -8.38
C LYS B 26 -31.48 -0.68 -7.90
N GLU B 27 -30.20 -0.45 -7.55
CA GLU B 27 -29.78 0.88 -7.14
C GLU B 27 -29.75 1.85 -8.32
N ARG B 28 -29.73 1.32 -9.54
CA ARG B 28 -29.76 2.17 -10.73
C ARG B 28 -31.15 2.72 -11.00
N GLN B 29 -32.20 2.04 -10.52
CA GLN B 29 -33.55 2.45 -10.89
C GLN B 29 -33.85 3.88 -10.48
N LYS B 30 -33.11 4.44 -9.52
CA LYS B 30 -33.42 5.81 -9.11
C LYS B 30 -33.02 6.83 -10.19
N ASP B 31 -31.88 6.63 -10.84
CA ASP B 31 -31.54 7.54 -11.93
C ASP B 31 -32.21 7.16 -13.24
N LEU B 32 -32.75 5.94 -13.35
CA LEU B 32 -33.58 5.61 -14.50
C LEU B 32 -34.96 6.31 -14.47
N LYS B 33 -35.28 7.10 -13.45
CA LYS B 33 -36.50 7.91 -13.49
C LYS B 33 -36.34 9.16 -14.32
N PHE B 34 -35.12 9.49 -14.71
CA PHE B 34 -34.83 10.64 -15.51
C PHE B 34 -34.21 10.30 -16.85
N LEU B 35 -33.60 9.13 -16.95
CA LEU B 35 -32.80 8.73 -18.08
C LEU B 35 -33.22 7.33 -18.44
N SER B 36 -33.28 7.03 -19.73
CA SER B 36 -33.46 5.66 -20.17
C SER B 36 -32.19 4.86 -19.88
N GLU B 37 -32.26 3.56 -20.15
CA GLU B 37 -31.11 2.70 -19.91
C GLU B 37 -30.00 2.96 -20.93
N GLU B 38 -30.38 3.22 -22.18
CA GLU B 38 -29.42 3.66 -23.20
C GLU B 38 -28.69 4.90 -22.73
N GLU B 39 -29.45 5.91 -22.29
CA GLU B 39 -28.85 7.19 -21.96
C GLU B 39 -27.91 7.07 -20.78
N TYR B 40 -28.23 6.20 -19.82
CA TYR B 40 -27.34 5.95 -18.69
C TYR B 40 -26.05 5.30 -19.18
N TRP B 41 -26.13 4.36 -20.13
CA TRP B 41 -24.92 3.74 -20.66
C TRP B 41 -24.10 4.75 -21.45
N LYS B 42 -24.76 5.60 -22.23
CA LYS B 42 -24.06 6.59 -23.00
C LYS B 42 -23.30 7.54 -22.09
N LEU B 43 -23.95 8.02 -21.03
CA LEU B 43 -23.24 8.77 -19.99
C LEU B 43 -22.01 8.04 -19.51
N GLN B 44 -22.18 6.76 -19.13
CA GLN B 44 -21.06 5.99 -18.59
C GLN B 44 -19.89 6.04 -19.57
N ILE B 45 -20.19 5.80 -20.84
CA ILE B 45 -19.19 5.88 -21.87
C ILE B 45 -18.55 7.27 -21.88
N PHE B 46 -19.36 8.30 -21.78
CA PHE B 46 -18.83 9.64 -21.89
C PHE B 46 -17.80 9.91 -20.79
N PHE B 47 -18.14 9.59 -19.55
CA PHE B 47 -17.23 9.90 -18.45
C PHE B 47 -16.03 8.97 -18.40
N THR B 48 -16.12 7.76 -18.95
CA THR B 48 -14.92 6.98 -19.19
C THR B 48 -13.99 7.75 -20.12
N ASN B 49 -14.54 8.34 -21.17
CA ASN B 49 -13.70 9.04 -22.13
C ASN B 49 -13.13 10.30 -21.52
N VAL B 50 -13.94 10.96 -20.70
CA VAL B 50 -13.49 12.15 -19.98
C VAL B 50 -12.34 11.82 -19.03
N ILE B 51 -12.47 10.72 -18.29
CA ILE B 51 -11.41 10.32 -17.36
C ILE B 51 -10.15 9.92 -18.12
N GLN B 52 -10.31 9.22 -19.24
CA GLN B 52 -9.16 8.86 -20.05
C GLN B 52 -8.43 10.11 -20.56
N ALA B 53 -9.19 11.05 -21.15
CA ALA B 53 -8.61 12.31 -21.61
C ALA B 53 -7.78 12.98 -20.52
N LEU B 54 -8.33 13.13 -19.30
CA LEU B 54 -7.58 13.70 -18.18
C LEU B 54 -6.30 12.92 -17.89
N GLY B 55 -6.40 11.58 -17.86
CA GLY B 55 -5.24 10.78 -17.60
C GLY B 55 -4.12 11.04 -18.61
N GLU B 56 -4.50 11.22 -19.87
CA GLU B 56 -3.49 11.37 -20.90
C GLU B 56 -2.82 12.72 -20.79
N HIS B 57 -3.61 13.76 -20.55
CA HIS B 57 -3.05 15.09 -20.32
C HIS B 57 -1.99 15.08 -19.25
N LEU B 58 -2.22 14.36 -18.16
CA LEU B 58 -1.33 14.30 -17.03
C LEU B 58 -0.31 13.20 -17.16
N LYS B 59 -0.25 12.57 -18.31
CA LYS B 59 0.77 11.56 -18.56
C LYS B 59 0.76 10.50 -17.46
N LEU B 60 -0.42 10.04 -17.12
CA LEU B 60 -0.57 8.95 -16.16
C LEU B 60 -0.58 7.64 -16.93
N ARG B 61 -0.14 6.59 -16.28
CA ARG B 61 -0.09 5.33 -17.02
C ARG B 61 -1.46 4.67 -16.96
N GLN B 62 -1.71 3.79 -17.92
CA GLN B 62 -3.07 3.32 -18.10
C GLN B 62 -3.63 2.77 -16.80
N GLN B 63 -2.83 2.02 -16.05
CA GLN B 63 -3.33 1.40 -14.82
C GLN B 63 -3.84 2.46 -13.85
N VAL B 64 -3.22 3.63 -13.81
CA VAL B 64 -3.67 4.66 -12.89
C VAL B 64 -5.00 5.21 -13.35
N ILE B 65 -5.12 5.47 -14.65
CA ILE B 65 -6.37 5.88 -15.26
C ILE B 65 -7.49 4.85 -15.01
N ALA B 66 -7.16 3.55 -15.13
CA ALA B 66 -8.17 2.52 -14.88
C ALA B 66 -8.68 2.58 -13.46
N THR B 67 -7.76 2.69 -12.50
CA THR B 67 -8.15 2.84 -11.12
C THR B 67 -9.05 4.05 -10.92
N ALA B 68 -8.74 5.16 -11.56
CA ALA B 68 -9.59 6.33 -11.45
C ALA B 68 -10.97 6.04 -12.02
N THR B 69 -11.01 5.42 -13.19
CA THR B 69 -12.26 5.03 -13.80
C THR B 69 -13.09 4.17 -12.86
N VAL B 70 -12.43 3.25 -12.14
CA VAL B 70 -13.09 2.33 -11.23
C VAL B 70 -13.58 3.05 -9.97
N TYR B 71 -12.81 3.98 -9.43
CA TYR B 71 -13.32 4.80 -8.33
C TYR B 71 -14.66 5.41 -8.72
N PHE B 72 -14.71 5.98 -9.92
CA PHE B 72 -15.90 6.65 -10.40
C PHE B 72 -17.07 5.69 -10.53
N LYS B 73 -16.82 4.49 -11.07
CA LYS B 73 -17.92 3.55 -11.26
C LYS B 73 -18.45 3.09 -9.91
N ARG B 74 -17.55 2.85 -8.96
CA ARG B 74 -17.99 2.49 -7.61
C ARG B 74 -18.89 3.56 -7.00
N PHE B 75 -18.50 4.82 -7.14
CA PHE B 75 -19.27 5.88 -6.46
C PHE B 75 -20.70 5.93 -6.99
N TYR B 76 -20.86 5.87 -8.31
CA TYR B 76 -22.18 5.97 -8.90
C TYR B 76 -22.89 4.64 -9.01
N ALA B 77 -22.28 3.55 -8.58
CA ALA B 77 -23.00 2.28 -8.49
C ALA B 77 -23.95 2.31 -7.32
N ARG B 78 -23.59 3.04 -6.26
CA ARG B 78 -24.37 3.23 -5.05
C ARG B 78 -25.22 4.48 -5.10
N TYR B 79 -24.68 5.58 -5.64
CA TYR B 79 -25.33 6.89 -5.48
C TYR B 79 -25.79 7.46 -6.82
N SER B 80 -26.72 8.41 -6.72
CA SER B 80 -27.31 9.02 -7.90
C SER B 80 -26.35 10.02 -8.50
N LEU B 81 -26.44 10.21 -9.82
CA LEU B 81 -25.68 11.26 -10.49
C LEU B 81 -25.94 12.64 -9.91
N LYS B 82 -27.02 12.83 -9.16
CA LYS B 82 -27.30 14.14 -8.57
C LYS B 82 -26.52 14.42 -7.30
N SER B 83 -26.00 13.39 -6.62
CA SER B 83 -25.39 13.61 -5.31
C SER B 83 -24.12 14.43 -5.41
N ILE B 84 -23.25 14.12 -6.37
CA ILE B 84 -22.11 14.98 -6.68
C ILE B 84 -21.97 15.04 -8.17
N ASP B 85 -21.76 16.25 -8.69
CA ASP B 85 -21.65 16.48 -10.13
C ASP B 85 -20.52 15.63 -10.69
N PRO B 86 -20.81 14.78 -11.68
CA PRO B 86 -19.73 13.90 -12.20
C PRO B 86 -18.62 14.66 -12.90
N VAL B 87 -18.84 15.93 -13.28
CA VAL B 87 -17.77 16.78 -13.80
C VAL B 87 -16.79 17.09 -12.70
N LEU B 88 -17.25 17.10 -11.44
CA LEU B 88 -16.33 17.30 -10.32
C LEU B 88 -15.69 15.99 -9.88
N MET B 89 -16.43 14.88 -10.03
CA MET B 89 -15.99 13.59 -9.51
C MET B 89 -14.87 13.03 -10.39
N ALA B 90 -15.01 13.16 -11.71
CA ALA B 90 -14.04 12.55 -12.61
C ALA B 90 -12.63 13.03 -12.32
N PRO B 91 -12.37 14.32 -12.16
CA PRO B 91 -10.99 14.73 -11.85
C PRO B 91 -10.59 14.41 -10.43
N THR B 92 -11.54 14.42 -9.50
CA THR B 92 -11.24 13.94 -8.15
C THR B 92 -10.74 12.49 -8.21
N CYS B 93 -11.42 11.62 -8.95
CA CYS B 93 -11.02 10.22 -8.99
C CYS B 93 -9.60 10.07 -9.53
N VAL B 94 -9.25 10.85 -10.55
CA VAL B 94 -7.93 10.77 -11.16
C VAL B 94 -6.86 11.17 -10.17
N PHE B 95 -7.09 12.30 -9.50
CA PHE B 95 -6.19 12.81 -8.48
C PHE B 95 -5.98 11.80 -7.38
N LEU B 96 -7.07 11.26 -6.84
CA LEU B 96 -6.92 10.26 -5.79
C LEU B 96 -6.15 9.05 -6.29
N ALA B 97 -6.53 8.53 -7.46
CA ALA B 97 -5.86 7.36 -7.98
C ALA B 97 -4.36 7.60 -8.01
N SER B 98 -3.96 8.81 -8.40
CA SER B 98 -2.56 9.09 -8.70
C SER B 98 -1.72 9.24 -7.45
N LYS B 99 -2.35 9.60 -6.33
CA LYS B 99 -1.66 9.62 -5.04
C LYS B 99 -1.50 8.24 -4.43
N VAL B 100 -2.19 7.22 -4.95
CA VAL B 100 -1.87 5.85 -4.55
C VAL B 100 -0.52 5.39 -5.08
N GLU B 101 0.09 6.14 -6.01
CA GLU B 101 1.42 5.86 -6.53
C GLU B 101 2.49 6.71 -5.85
N GLU B 102 3.68 6.15 -5.73
CA GLU B 102 4.80 6.91 -5.19
C GLU B 102 5.76 7.42 -6.28
N PHE B 103 5.61 6.97 -7.53
CA PHE B 103 6.41 7.50 -8.65
C PHE B 103 5.64 8.66 -9.27
N GLY B 104 5.96 9.86 -8.83
CA GLY B 104 5.36 11.06 -9.39
C GLY B 104 4.33 11.68 -8.46
N VAL B 105 3.96 12.90 -8.82
CA VAL B 105 3.06 13.70 -8.02
C VAL B 105 2.27 14.61 -8.96
N VAL B 106 0.97 14.71 -8.72
CA VAL B 106 0.12 15.62 -9.47
C VAL B 106 -0.19 16.81 -8.58
N SER B 107 0.36 17.98 -8.92
CA SER B 107 0.11 19.17 -8.13
C SER B 107 -1.31 19.68 -8.31
N ASN B 108 -1.68 20.54 -7.37
CA ASN B 108 -3.00 21.17 -7.38
C ASN B 108 -3.20 22.00 -8.63
N THR B 109 -2.26 22.91 -8.92
CA THR B 109 -2.46 23.76 -10.07
C THR B 109 -2.49 22.93 -11.33
N ARG B 110 -1.64 21.92 -11.39
CA ARG B 110 -1.58 21.07 -12.56
C ARG B 110 -2.88 20.30 -12.75
N LEU B 111 -3.43 19.73 -11.67
CA LEU B 111 -4.74 19.09 -11.78
C LEU B 111 -5.80 20.06 -12.30
N ILE B 112 -5.93 21.24 -11.69
CA ILE B 112 -6.99 22.14 -12.10
C ILE B 112 -6.79 22.56 -13.54
N ALA B 113 -5.54 22.85 -13.91
CA ALA B 113 -5.23 23.22 -15.28
C ALA B 113 -5.58 22.11 -16.26
N ALA B 114 -5.34 20.87 -15.88
CA ALA B 114 -5.65 19.76 -16.77
C ALA B 114 -7.16 19.62 -16.96
N ALA B 115 -7.92 19.80 -15.91
CA ALA B 115 -9.37 19.69 -16.02
C ALA B 115 -9.91 20.78 -16.92
N THR B 116 -9.48 22.02 -16.69
CA THR B 116 -9.96 23.14 -17.50
C THR B 116 -9.65 22.93 -18.97
N SER B 117 -8.41 22.54 -19.26
CA SER B 117 -7.97 22.43 -20.65
C SER B 117 -8.68 21.29 -21.37
N VAL B 118 -8.87 20.16 -20.68
CA VAL B 118 -9.41 19.00 -21.36
C VAL B 118 -10.88 19.19 -21.67
N LEU B 119 -11.64 19.83 -20.80
CA LEU B 119 -13.05 20.04 -21.16
C LEU B 119 -13.19 21.04 -22.30
N LYS B 120 -12.36 22.07 -22.32
CA LYS B 120 -12.46 23.08 -23.35
C LYS B 120 -12.06 22.54 -24.71
N THR B 121 -10.88 21.91 -24.79
CA THR B 121 -10.37 21.51 -26.08
C THR B 121 -11.05 20.25 -26.59
N ARG B 122 -11.27 19.26 -25.72
CA ARG B 122 -11.78 17.97 -26.19
C ARG B 122 -13.26 17.70 -25.91
N PHE B 123 -13.94 18.48 -25.06
CA PHE B 123 -15.35 18.18 -24.78
C PHE B 123 -16.25 19.42 -24.84
N SER B 124 -15.94 20.38 -25.73
CA SER B 124 -16.78 21.57 -25.82
C SER B 124 -18.15 21.28 -26.40
N TYR B 125 -18.33 20.15 -27.09
CA TYR B 125 -19.66 19.80 -27.59
C TYR B 125 -20.63 19.45 -26.47
N ALA B 126 -20.12 19.02 -25.32
CA ALA B 126 -20.93 18.72 -24.13
C ALA B 126 -20.92 19.85 -23.12
N PHE B 127 -19.87 20.66 -23.08
CA PHE B 127 -19.75 21.73 -22.08
C PHE B 127 -19.50 23.08 -22.74
N PRO B 128 -20.49 23.95 -22.79
CA PRO B 128 -20.27 25.30 -23.29
C PRO B 128 -19.38 26.10 -22.36
N LYS B 129 -19.73 26.09 -21.08
CA LYS B 129 -19.07 26.89 -20.06
C LYS B 129 -17.81 26.22 -19.53
N GLU B 130 -16.92 27.04 -18.97
CA GLU B 130 -15.62 26.60 -18.48
C GLU B 130 -15.72 25.83 -17.16
N PHE B 131 -14.73 24.97 -16.93
CA PHE B 131 -14.67 24.17 -15.73
C PHE B 131 -14.78 25.07 -14.51
N PRO B 132 -15.84 24.94 -13.70
CA PRO B 132 -16.12 25.94 -12.67
C PRO B 132 -15.58 25.65 -11.27
N TYR B 133 -14.90 24.54 -11.02
CA TYR B 133 -14.59 24.12 -9.67
C TYR B 133 -13.15 24.44 -9.36
N ARG B 134 -12.91 24.89 -8.14
CA ARG B 134 -11.58 25.17 -7.66
C ARG B 134 -11.07 23.96 -6.89
N MET B 135 -9.80 23.99 -6.58
CA MET B 135 -9.20 22.92 -5.81
C MET B 135 -9.91 22.66 -4.49
N ASN B 136 -10.51 23.68 -3.86
CA ASN B 136 -11.18 23.39 -2.59
C ASN B 136 -12.33 22.41 -2.79
N HIS B 137 -13.02 22.48 -3.92
CA HIS B 137 -14.10 21.55 -4.23
C HIS B 137 -13.59 20.13 -4.45
N ILE B 138 -12.39 20.03 -5.04
CA ILE B 138 -11.75 18.75 -5.32
C ILE B 138 -11.46 18.05 -4.01
N LEU B 139 -10.87 18.79 -3.07
CA LEU B 139 -10.51 18.21 -1.77
C LEU B 139 -11.74 17.80 -0.98
N GLU B 140 -12.82 18.61 -1.03
CA GLU B 140 -14.07 18.19 -0.43
C GLU B 140 -14.52 16.86 -1.01
N CYS B 141 -14.69 16.82 -2.34
CA CYS B 141 -15.13 15.61 -3.05
C CYS B 141 -14.26 14.38 -2.76
N GLU B 142 -12.95 14.57 -2.68
CA GLU B 142 -12.07 13.48 -2.30
C GLU B 142 -12.54 12.80 -1.02
N PHE B 143 -12.88 13.60 -0.01
CA PHE B 143 -13.29 13.02 1.26
C PHE B 143 -14.55 12.18 1.09
N TYR B 144 -15.50 12.63 0.27
CA TYR B 144 -16.68 11.80 0.10
C TYR B 144 -16.38 10.56 -0.73
N LEU B 145 -15.45 10.66 -1.69
CA LEU B 145 -15.09 9.49 -2.46
C LEU B 145 -14.42 8.46 -1.56
N LEU B 146 -13.48 8.91 -0.75
CA LEU B 146 -12.79 7.98 0.13
C LEU B 146 -13.77 7.30 1.06
N GLU B 147 -14.63 8.09 1.70
CA GLU B 147 -15.64 7.54 2.60
C GLU B 147 -16.46 6.47 1.91
N LEU B 148 -17.00 6.77 0.73
CA LEU B 148 -17.91 5.84 0.09
C LEU B 148 -17.20 4.53 -0.27
N MET B 149 -15.97 4.61 -0.75
CA MET B 149 -15.27 3.40 -1.14
C MET B 149 -14.77 2.63 0.06
N ASP B 150 -15.17 3.01 1.27
CA ASP B 150 -14.68 2.31 2.48
C ASP B 150 -13.16 2.23 2.49
N CYS B 151 -12.51 3.27 1.97
CA CYS B 151 -11.05 3.39 1.92
C CYS B 151 -10.37 2.29 1.14
N CYS B 152 -11.13 1.51 0.37
CA CYS B 152 -10.59 0.50 -0.54
C CYS B 152 -10.05 1.19 -1.79
N LEU B 153 -8.73 1.29 -1.89
CA LEU B 153 -8.02 2.05 -2.91
C LEU B 153 -7.21 1.19 -3.89
N ILE B 154 -6.78 -0.01 -3.48
CA ILE B 154 -6.05 -0.93 -4.35
C ILE B 154 -7.06 -1.65 -5.24
N VAL B 155 -6.85 -1.57 -6.56
CA VAL B 155 -7.77 -2.10 -7.57
C VAL B 155 -6.98 -2.93 -8.57
N TYR B 156 -7.45 -4.15 -8.83
CA TYR B 156 -6.78 -5.05 -9.77
C TYR B 156 -7.37 -4.79 -11.15
N HIS B 157 -6.59 -4.97 -12.18
CA HIS B 157 -7.04 -4.78 -13.54
C HIS B 157 -6.60 -5.92 -14.45
N PRO B 158 -7.17 -6.03 -15.66
CA PRO B 158 -6.85 -7.15 -16.53
C PRO B 158 -5.55 -7.04 -17.28
N TYR B 159 -4.86 -5.91 -17.22
CA TYR B 159 -3.67 -5.74 -18.05
C TYR B 159 -2.59 -6.71 -17.64
N ARG B 160 -2.31 -6.82 -16.32
CA ARG B 160 -1.27 -7.73 -15.85
C ARG B 160 -1.59 -9.17 -16.24
N PRO B 161 -2.73 -9.74 -15.87
CA PRO B 161 -3.06 -11.09 -16.35
C PRO B 161 -2.99 -11.24 -17.87
N LEU B 162 -3.50 -10.26 -18.63
CA LEU B 162 -3.46 -10.34 -20.09
C LEU B 162 -2.04 -10.50 -20.59
N LEU B 163 -1.08 -9.74 -20.05
CA LEU B 163 0.31 -9.87 -20.46
C LEU B 163 0.80 -11.28 -20.24
N GLN B 164 0.50 -11.85 -19.07
CA GLN B 164 0.90 -13.20 -18.74
C GLN B 164 0.36 -14.19 -19.76
N TYR B 165 -0.90 -14.03 -20.14
CA TYR B 165 -1.50 -14.93 -21.11
C TYR B 165 -0.87 -14.79 -22.50
N VAL B 166 -0.73 -13.57 -23.02
CA VAL B 166 -0.15 -13.45 -24.37
C VAL B 166 1.30 -13.96 -24.38
N GLN B 167 2.08 -13.63 -23.34
CA GLN B 167 3.43 -14.18 -23.20
C GLN B 167 3.37 -15.70 -23.18
N ASP B 168 2.44 -16.27 -22.42
CA ASP B 168 2.28 -17.71 -22.39
C ASP B 168 1.94 -18.26 -23.75
N MET B 169 1.09 -17.55 -24.52
CA MET B 169 0.71 -17.98 -25.86
C MET B 169 1.88 -17.93 -26.82
N GLY B 170 2.89 -17.14 -26.51
CA GLY B 170 3.93 -16.86 -27.48
C GLY B 170 3.37 -16.10 -28.66
N GLN B 171 2.62 -15.05 -28.38
CA GLN B 171 1.95 -14.33 -29.45
C GLN B 171 1.87 -12.85 -29.15
N GLU B 172 2.86 -12.32 -28.45
CA GLU B 172 2.76 -10.96 -27.93
C GLU B 172 2.68 -9.93 -29.05
N ASP B 173 3.45 -10.10 -30.13
CA ASP B 173 3.43 -9.12 -31.21
C ASP B 173 2.12 -9.14 -31.96
N MET B 174 1.56 -10.31 -32.21
CA MET B 174 0.34 -10.38 -33.00
C MET B 174 -0.86 -9.87 -32.22
N LEU B 175 -0.97 -10.22 -30.94
CA LEU B 175 -2.22 -10.08 -30.19
C LEU B 175 -2.24 -9.02 -29.08
N LEU B 176 -1.11 -8.68 -28.47
CA LEU B 176 -1.14 -7.78 -27.32
C LEU B 176 -1.73 -6.42 -27.64
N PRO B 177 -1.33 -5.76 -28.71
CA PRO B 177 -1.91 -4.43 -28.97
C PRO B 177 -3.40 -4.43 -29.10
N LEU B 178 -3.94 -5.40 -29.81
CA LEU B 178 -5.39 -5.43 -29.95
C LEU B 178 -6.04 -5.75 -28.62
N ALA B 179 -5.59 -6.83 -27.97
CA ALA B 179 -6.19 -7.29 -26.72
C ALA B 179 -6.18 -6.18 -25.68
N TRP B 180 -5.02 -5.56 -25.48
CA TRP B 180 -4.90 -4.37 -24.64
C TRP B 180 -5.95 -3.33 -25.00
N ARG B 181 -6.17 -3.12 -26.28
CA ARG B 181 -7.08 -2.05 -26.68
C ARG B 181 -8.50 -2.43 -26.30
N ILE B 182 -8.85 -3.70 -26.47
CA ILE B 182 -10.17 -4.19 -26.08
C ILE B 182 -10.34 -4.14 -24.57
N VAL B 183 -9.31 -4.46 -23.81
CA VAL B 183 -9.40 -4.28 -22.37
C VAL B 183 -9.76 -2.83 -22.04
N ASN B 184 -9.09 -1.86 -22.66
CA ASN B 184 -9.47 -0.46 -22.43
C ASN B 184 -10.96 -0.26 -22.66
N ASP B 185 -11.49 -0.77 -23.76
CA ASP B 185 -12.91 -0.54 -24.03
C ASP B 185 -13.84 -1.22 -23.02
N THR B 186 -13.37 -2.21 -22.25
CA THR B 186 -14.30 -2.84 -21.32
C THR B 186 -14.70 -1.86 -20.24
N TYR B 187 -13.86 -0.88 -19.94
CA TYR B 187 -14.21 0.12 -18.96
C TYR B 187 -15.35 1.01 -19.41
N ARG B 188 -15.74 0.96 -20.68
CA ARG B 188 -16.99 1.60 -21.07
C ARG B 188 -18.22 0.84 -20.59
N THR B 189 -18.08 -0.24 -19.82
CA THR B 189 -19.18 -1.08 -19.35
C THR B 189 -19.03 -1.34 -17.86
N ASP B 190 -19.97 -2.12 -17.32
CA ASP B 190 -19.95 -2.48 -15.91
C ASP B 190 -19.02 -3.64 -15.60
N LEU B 191 -18.29 -4.17 -16.57
CA LEU B 191 -17.68 -5.48 -16.41
C LEU B 191 -16.72 -5.53 -15.20
N CYS B 192 -15.96 -4.46 -14.99
CA CYS B 192 -15.01 -4.40 -13.88
C CYS B 192 -15.67 -4.40 -12.52
N LEU B 193 -16.96 -4.12 -12.45
CA LEU B 193 -17.73 -4.30 -11.24
C LEU B 193 -18.31 -5.69 -11.05
N LEU B 194 -18.22 -6.58 -12.04
CA LEU B 194 -18.98 -7.82 -12.03
C LEU B 194 -18.13 -9.09 -12.14
N TYR B 195 -16.94 -9.02 -12.71
CA TYR B 195 -16.06 -10.17 -12.88
C TYR B 195 -14.64 -9.88 -12.38
N PRO B 196 -13.90 -10.92 -11.98
CA PRO B 196 -12.50 -10.70 -11.65
C PRO B 196 -11.68 -10.32 -12.90
N PRO B 197 -10.64 -9.53 -12.70
CA PRO B 197 -9.83 -9.11 -13.87
C PRO B 197 -9.37 -10.22 -14.82
N PHE B 198 -8.74 -11.28 -14.32
CA PHE B 198 -8.23 -12.28 -15.26
C PHE B 198 -9.34 -12.82 -16.15
N MET B 199 -10.60 -12.75 -15.73
CA MET B 199 -11.66 -13.26 -16.60
C MET B 199 -11.98 -12.28 -17.74
N ILE B 200 -12.08 -10.99 -17.44
CA ILE B 200 -12.10 -9.95 -18.48
C ILE B 200 -10.91 -10.08 -19.42
N ALA B 201 -9.72 -10.30 -18.88
CA ALA B 201 -8.55 -10.41 -19.75
C ALA B 201 -8.74 -11.54 -20.75
N LEU B 202 -9.13 -12.73 -20.26
CA LEU B 202 -9.31 -13.87 -21.15
C LEU B 202 -10.32 -13.56 -22.22
N ALA B 203 -11.47 -12.98 -21.84
CA ALA B 203 -12.47 -12.55 -22.81
C ALA B 203 -11.88 -11.64 -23.86
N CYS B 204 -11.04 -10.70 -23.45
CA CYS B 204 -10.48 -9.76 -24.40
C CYS B 204 -9.55 -10.46 -25.36
N LEU B 205 -8.74 -11.39 -24.85
CA LEU B 205 -7.81 -12.12 -25.71
C LEU B 205 -8.57 -13.02 -26.67
N HIS B 206 -9.69 -13.56 -26.26
CA HIS B 206 -10.49 -14.36 -27.17
C HIS B 206 -10.99 -13.51 -28.33
N VAL B 207 -11.54 -12.33 -28.03
CA VAL B 207 -12.06 -11.47 -29.09
C VAL B 207 -10.95 -11.04 -30.01
N ALA B 208 -9.77 -10.76 -29.46
CA ALA B 208 -8.66 -10.38 -30.30
C ALA B 208 -8.29 -11.51 -31.25
N CYS B 209 -8.33 -12.75 -30.77
CA CYS B 209 -8.02 -13.91 -31.61
C CYS B 209 -9.01 -14.06 -32.75
N VAL B 210 -10.27 -13.79 -32.47
CA VAL B 210 -11.30 -13.90 -33.49
C VAL B 210 -11.09 -12.82 -34.56
N VAL B 211 -10.72 -11.61 -34.15
CA VAL B 211 -10.56 -10.55 -35.13
C VAL B 211 -9.36 -10.82 -36.02
N GLN B 212 -8.30 -11.44 -35.48
CA GLN B 212 -7.11 -11.75 -36.25
C GLN B 212 -7.07 -13.19 -36.71
N GLN B 213 -8.22 -13.86 -36.72
CA GLN B 213 -8.31 -15.19 -37.31
C GLN B 213 -7.18 -16.09 -36.82
N LYS B 214 -6.90 -16.04 -35.52
CA LYS B 214 -5.89 -16.90 -34.92
C LYS B 214 -6.59 -18.02 -34.16
N ASP B 215 -6.15 -19.26 -34.39
CA ASP B 215 -6.76 -20.42 -33.76
C ASP B 215 -6.11 -20.59 -32.40
N ALA B 216 -6.90 -20.42 -31.35
CA ALA B 216 -6.45 -20.49 -29.97
C ALA B 216 -7.28 -21.51 -29.19
N ARG B 217 -8.09 -22.31 -29.88
CA ARG B 217 -9.01 -23.21 -29.20
C ARG B 217 -8.29 -24.14 -28.23
N GLN B 218 -7.11 -24.63 -28.61
CA GLN B 218 -6.41 -25.56 -27.74
C GLN B 218 -5.84 -24.85 -26.52
N TRP B 219 -5.31 -23.64 -26.69
CA TRP B 219 -4.81 -22.90 -25.55
C TRP B 219 -5.89 -22.68 -24.51
N PHE B 220 -7.07 -22.26 -24.93
CA PHE B 220 -8.15 -21.96 -24.01
C PHE B 220 -8.67 -23.24 -23.36
N ALA B 221 -8.84 -24.29 -24.15
CA ALA B 221 -9.20 -25.60 -23.60
C ALA B 221 -8.29 -26.00 -22.44
N GLU B 222 -6.98 -25.77 -22.58
CA GLU B 222 -6.00 -26.17 -21.58
C GLU B 222 -6.07 -25.34 -20.29
N LEU B 223 -7.02 -24.40 -20.18
CA LEU B 223 -7.22 -23.65 -18.95
C LEU B 223 -8.32 -24.30 -18.12
N SER B 224 -8.35 -23.96 -16.86
CA SER B 224 -9.40 -24.39 -15.97
C SER B 224 -10.16 -23.14 -15.53
N VAL B 225 -11.16 -22.75 -16.32
CA VAL B 225 -11.94 -21.54 -16.05
C VAL B 225 -13.40 -21.81 -16.38
N ASP B 226 -14.29 -21.16 -15.64
CA ASP B 226 -15.71 -21.17 -16.00
C ASP B 226 -15.87 -20.50 -17.37
N MET B 227 -15.97 -21.31 -18.42
CA MET B 227 -16.02 -20.72 -19.75
C MET B 227 -17.33 -20.03 -20.05
N GLU B 228 -18.41 -20.39 -19.36
CA GLU B 228 -19.69 -19.72 -19.60
C GLU B 228 -19.62 -18.28 -19.13
N LYS B 229 -18.95 -18.02 -18.01
CA LYS B 229 -18.76 -16.65 -17.57
C LYS B 229 -17.94 -15.86 -18.59
N ILE B 230 -16.89 -16.47 -19.13
CA ILE B 230 -16.12 -15.86 -20.21
C ILE B 230 -17.03 -15.51 -21.40
N LEU B 231 -17.85 -16.46 -21.86
CA LEU B 231 -18.78 -16.16 -22.94
C LEU B 231 -19.70 -15.02 -22.56
N GLU B 232 -20.21 -15.00 -21.33
CA GLU B 232 -20.99 -13.84 -20.91
C GLU B 232 -20.24 -12.56 -21.23
N ILE B 233 -18.94 -12.52 -20.94
CA ILE B 233 -18.17 -11.29 -21.04
C ILE B 233 -17.95 -10.92 -22.49
N ILE B 234 -17.69 -11.93 -23.33
CA ILE B 234 -17.57 -11.71 -24.76
C ILE B 234 -18.83 -11.08 -25.30
N ARG B 235 -19.96 -11.54 -24.85
CA ARG B 235 -21.20 -11.02 -25.41
C ARG B 235 -21.37 -9.57 -25.07
N VAL B 236 -20.96 -9.18 -23.86
CA VAL B 236 -20.97 -7.76 -23.48
C VAL B 236 -19.99 -6.95 -24.33
N ILE B 237 -18.84 -7.53 -24.65
CA ILE B 237 -17.86 -6.82 -25.49
C ILE B 237 -18.43 -6.62 -26.88
N LEU B 238 -18.97 -7.70 -27.47
CA LEU B 238 -19.57 -7.60 -28.80
C LEU B 238 -20.69 -6.58 -28.83
N LYS B 239 -21.53 -6.57 -27.82
CA LYS B 239 -22.64 -5.64 -27.81
C LYS B 239 -22.14 -4.21 -27.67
N LEU B 240 -21.18 -3.97 -26.79
CA LEU B 240 -20.61 -2.65 -26.68
C LEU B 240 -20.20 -2.07 -28.03
N TYR B 241 -19.59 -2.90 -28.89
CA TYR B 241 -19.19 -2.42 -30.21
C TYR B 241 -20.40 -2.13 -31.10
N GLU B 242 -21.52 -2.77 -30.86
CA GLU B 242 -22.76 -2.39 -31.53
C GLU B 242 -23.34 -1.11 -30.96
N GLN B 243 -23.26 -0.88 -29.64
CA GLN B 243 -23.71 0.41 -29.11
C GLN B 243 -22.77 1.54 -29.56
N TRP B 244 -21.50 1.22 -29.78
CA TRP B 244 -20.52 2.22 -30.18
C TRP B 244 -20.77 2.66 -31.61
N LYS B 245 -20.99 1.70 -32.52
CA LYS B 245 -21.45 2.02 -33.87
C LYS B 245 -22.60 3.00 -33.85
N ASN B 246 -23.64 2.71 -33.10
CA ASN B 246 -24.90 3.44 -33.23
C ASN B 246 -24.94 4.71 -32.41
N PHE B 247 -23.87 5.04 -31.69
CA PHE B 247 -23.84 6.15 -30.73
C PHE B 247 -23.03 7.30 -31.33
N ASP B 248 -23.57 8.51 -31.29
CA ASP B 248 -22.78 9.67 -31.65
C ASP B 248 -22.74 10.55 -30.40
N GLU B 249 -21.73 10.35 -29.55
CA GLU B 249 -21.69 11.08 -28.30
C GLU B 249 -21.62 12.56 -28.57
N ARG B 250 -20.88 12.96 -29.62
CA ARG B 250 -20.66 14.37 -29.91
C ARG B 250 -21.97 15.08 -30.21
N LYS B 251 -22.87 14.42 -30.91
CA LYS B 251 -24.19 14.98 -31.18
C LYS B 251 -25.14 14.84 -29.99
N GLU B 252 -24.97 13.84 -29.13
CA GLU B 252 -26.00 13.50 -28.16
C GLU B 252 -25.72 13.94 -26.73
N MET B 253 -24.47 14.20 -26.33
CA MET B 253 -24.19 14.24 -24.89
C MET B 253 -24.71 15.49 -24.21
N ALA B 254 -24.74 16.65 -24.87
CA ALA B 254 -25.26 17.83 -24.21
C ALA B 254 -26.70 17.61 -23.77
N THR B 255 -27.48 16.95 -24.61
CA THR B 255 -28.88 16.69 -24.34
C THR B 255 -29.06 15.64 -23.24
N ILE B 256 -28.32 14.54 -23.30
CA ILE B 256 -28.39 13.57 -22.22
C ILE B 256 -27.95 14.21 -20.91
N LEU B 257 -26.93 15.09 -20.96
CA LEU B 257 -26.45 15.74 -19.73
C LEU B 257 -27.50 16.70 -19.15
N SER B 258 -28.36 17.26 -19.99
CA SER B 258 -29.39 18.16 -19.49
C SER B 258 -30.48 17.38 -18.78
N LYS B 259 -30.72 16.14 -19.19
CA LYS B 259 -31.67 15.25 -18.52
C LYS B 259 -31.17 14.66 -17.21
N MET B 260 -29.87 14.72 -16.93
CA MET B 260 -29.36 14.20 -15.66
C MET B 260 -30.05 14.88 -14.49
N PRO B 261 -30.48 14.14 -13.49
CA PRO B 261 -30.97 14.80 -12.27
C PRO B 261 -29.92 15.72 -11.67
N LYS B 262 -30.42 16.76 -11.02
CA LYS B 262 -29.64 17.90 -10.60
C LYS B 262 -29.58 17.99 -9.07
N PRO B 263 -28.48 18.48 -8.49
CA PRO B 263 -28.38 18.57 -7.04
C PRO B 263 -29.41 19.53 -6.45
N LYS B 264 -30.05 19.09 -5.37
CA LYS B 264 -30.89 19.98 -4.56
C LYS B 264 -30.03 20.99 -3.83
N PRO B 265 -30.37 22.28 -3.87
CA PRO B 265 -29.64 23.26 -3.09
C PRO B 265 -30.10 23.27 -1.66
N PRO B 266 -29.37 23.92 -0.78
CA PRO B 266 -29.78 23.98 0.63
C PRO B 266 -30.95 24.92 0.84
N PRO B 267 -31.67 24.80 1.96
CA PRO B 267 -32.72 25.78 2.28
C PRO B 267 -32.12 27.12 2.72
C2 MFE C . 7.44 3.49 20.69
C3 MFE C . 6.91 4.63 21.26
C4 MFE C . 5.57 4.89 21.09
C5 MFE C . 4.76 4.03 20.35
C6 MFE C . 5.30 2.89 19.80
C7 MFE C . 6.65 2.61 19.97
C8 MFE C . 3.27 4.36 20.20
C12 MFE C . 0.61 1.11 20.53
N13 MFE C . -0.05 0.57 19.49
C15 MFE C . -0.55 0.52 17.11
C16 MFE C . -0.34 1.03 15.83
C17 MFE C . 0.55 2.11 15.63
C18 MFE C . 1.22 2.65 16.71
C19 MFE C . 1.02 2.13 18.04
C10 MFE C . 1.71 2.67 19.18
C14 MFE C . 0.14 1.08 18.23
N11 MFE C . 1.48 2.13 20.37
N9 MFE C . 2.64 3.75 19.04
CL1 MFE C . 9.17 3.15 20.89
H31 MFE C . 7.45 5.21 21.76
H41 MFE C . 5.20 5.66 21.46
H61 MFE C . 4.77 2.31 19.31
H71 MFE C . 7.02 1.84 19.59
H81 MFE C . 3.17 5.32 20.14
H82 MFE C . 2.81 4.04 21.00
H121 MFE C . 0.45 0.78 21.38
H151 MFE C . -1.14 -0.19 17.23
H161 MFE C . -0.79 0.67 15.11
H171 MFE C . 0.69 2.44 14.77
H181 MFE C . 1.81 3.37 16.58
H91 MFE C . 2.84 4.05 18.26
C1 EDO D . -28.01 10.18 -3.13
O1 EDO D . -28.06 9.02 -4.00
C2 EDO D . -28.75 11.36 -3.76
O2 EDO D . -29.13 12.39 -2.83
H11 EDO D . -26.96 10.45 -2.94
H12 EDO D . -28.46 9.93 -2.16
HO1 EDO D . -27.66 8.25 -3.56
H21 EDO D . -28.12 11.80 -4.53
H22 EDO D . -29.66 10.99 -4.24
HO2 EDO D . -29.70 13.04 -3.27
C FMT E . -9.18 -6.95 2.84
O1 FMT E . -8.26 -7.17 3.63
O2 FMT E . -10.32 -6.65 3.24
H FMT E . -8.95 -6.97 1.78
C FMT F . -12.52 0.91 7.10
O1 FMT F . -12.66 2.11 7.41
O2 FMT F . -11.41 0.34 7.02
H FMT F . -13.44 0.34 6.92
C FMT G . -7.27 -11.47 -10.76
O1 FMT G . -7.02 -12.66 -10.57
O2 FMT G . -7.39 -10.98 -11.89
H FMT G . -7.24 -10.81 -9.89
C FMT H . -12.51 4.00 -24.14
O1 FMT H . -12.04 3.96 -22.97
O2 FMT H . -12.37 3.05 -24.95
H FMT H . -13.03 4.91 -24.44
C FMT I . -9.22 2.62 -19.52
O1 FMT I . -8.66 2.38 -18.44
O2 FMT I . -10.18 3.41 -19.60
H FMT I . -9.05 1.92 -20.33
#